data_1PGG
#
_entry.id   1PGG
#
_cell.length_a   99.220
_cell.length_b   208.990
_cell.length_c   232.430
_cell.angle_alpha   90.00
_cell.angle_beta   90.00
_cell.angle_gamma   90.00
#
_symmetry.space_group_name_H-M   'I 2 2 2'
#
loop_
_entity.id
_entity.type
_entity.pdbx_description
1 polymer 'PROSTAGLANDIN H2 SYNTHASE-1'
2 branched 2-acetamido-2-deoxy-beta-D-glucopyranose-(1-4)-2-acetamido-2-deoxy-beta-D-glucopyranose
3 non-polymer 2-acetamido-2-deoxy-beta-D-glucopyranose
4 non-polymer 'PROTOPORPHYRIN IX CONTAINING FE'
5 non-polymer '1-(4-IODOBENZOYL)-5-METHOXY-2-METHYL INDOLE-3-ACETIC ACID'
#
_entity_poly.entity_id   1
_entity_poly.type   'polypeptide(L)'
_entity_poly.pdbx_seq_one_letter_code
;ADPGAPAPVNPCCYYPCQHQGICVRFGLDRYQCDCTRTGYSGPNCTIPEIWTWLRTTLRPSPSFIHFLLTHGRWLWDFVN
ATFIRDTLMRLVLTVRSNLIPSPPTYNIAHDYISWESFSNVSYYTRILPSVPRDCPTPMGTKGKKQLPDAEFLSRRFLLR
RKFIPDPQGTNLMFAFFAQHFTHQFFKTSGKMGPGFTKALGHGVDLGHIYGDNLERQYQLRLFKDGKLKYQMLNGEVYPP
SVEEAPVLMHYPRGIPPQSQMAVGQEVFGLLPGLMLYATIWLREHNRVCDLLKAEHPTWGDEQLFQTARLILIGETIKIV
IEEYVQQLSGYFLQLKFDPELLFGAQFQYRNRIAMEFNQLYHWHPLMPDSFRVGPQDYSYEQFLFNTSMLVDYGVEALVD
AFSRQPAGRIGGGRNIDHHILHVAVDVIKESRVLRLQPFNEYRKRFGMKPYTSFQELTGEKEMAAELEELYGDIDALEFY
PGLLLEKCHPNSIFGESMIEMGAPFSLKGLLGNPICSPEYWKASTFGGEVGFNLVKTATLKKLVCLNTKTCPYVSFHVPD
PRQEDRPGVERPPTEL
;
_entity_poly.pdbx_strand_id   A,B
#
# COMPACT_ATOMS: atom_id res chain seq x y z
N VAL A 9 27.57 17.19 21.49
CA VAL A 9 27.51 16.02 20.56
C VAL A 9 26.06 15.60 20.53
N ASN A 10 25.63 15.14 19.36
CA ASN A 10 24.27 14.71 19.15
C ASN A 10 23.94 13.62 20.19
N PRO A 11 23.07 13.95 21.15
CA PRO A 11 22.67 13.02 22.20
C PRO A 11 22.15 11.72 21.65
N CYS A 12 21.58 11.79 20.45
CA CYS A 12 21.06 10.59 19.87
C CYS A 12 22.18 9.66 19.42
N CYS A 13 23.41 10.16 19.33
CA CYS A 13 24.48 9.26 18.95
C CYS A 13 24.64 8.23 20.07
N TYR A 14 24.22 8.57 21.28
CA TYR A 14 24.33 7.60 22.37
C TYR A 14 23.26 6.52 22.33
N TYR A 15 22.41 6.59 21.31
CA TYR A 15 21.31 5.65 21.14
C TYR A 15 20.62 5.60 22.51
N PRO A 16 20.28 6.78 23.08
CA PRO A 16 19.64 6.72 24.40
C PRO A 16 18.37 5.90 24.60
N CYS A 17 17.40 6.01 23.70
CA CYS A 17 16.10 5.34 23.83
C CYS A 17 16.03 3.84 23.56
N GLN A 18 15.69 3.08 24.60
CA GLN A 18 15.56 1.64 24.52
C GLN A 18 14.20 1.20 23.99
N HIS A 19 14.10 -0.09 23.76
CA HIS A 19 12.88 -0.74 23.30
C HIS A 19 12.02 -0.08 22.24
N GLN A 20 12.70 0.42 21.21
CA GLN A 20 12.05 1.04 20.08
C GLN A 20 11.54 2.45 20.33
N GLY A 21 11.90 3.03 21.47
CA GLY A 21 11.46 4.38 21.74
C GLY A 21 12.11 5.27 20.70
N ILE A 22 11.53 6.41 20.35
CA ILE A 22 12.15 7.25 19.33
C ILE A 22 12.92 8.45 19.86
N CYS A 23 14.19 8.55 19.47
CA CYS A 23 15.04 9.65 19.94
C CYS A 23 14.76 10.92 19.15
N VAL A 24 13.97 11.83 19.71
CA VAL A 24 13.72 13.09 19.04
C VAL A 24 14.62 14.11 19.68
N ARG A 25 15.25 14.93 18.86
CA ARG A 25 16.11 15.98 19.35
C ARG A 25 15.27 17.21 19.75
N PHE A 26 15.77 18.01 20.68
CA PHE A 26 15.10 19.24 21.11
C PHE A 26 16.14 20.25 21.50
N GLY A 27 15.89 21.51 21.19
CA GLY A 27 16.87 22.53 21.49
C GLY A 27 18.19 22.18 20.84
N LEU A 28 19.25 22.77 21.37
CA LEU A 28 20.58 22.52 20.83
C LEU A 28 21.27 21.32 21.44
N ASP A 29 20.94 21.05 22.69
CA ASP A 29 21.57 19.98 23.46
C ASP A 29 20.65 18.94 24.09
N ARG A 30 19.33 19.12 23.99
CA ARG A 30 18.40 18.15 24.59
C ARG A 30 17.97 17.07 23.60
N TYR A 31 17.18 16.13 24.12
CA TYR A 31 16.64 15.04 23.34
C TYR A 31 15.49 14.45 24.18
N GLN A 32 14.55 13.78 23.50
CA GLN A 32 13.43 13.15 24.17
C GLN A 32 13.14 11.82 23.48
N CYS A 33 12.86 10.79 24.28
CA CYS A 33 12.54 9.48 23.76
C CYS A 33 11.05 9.32 23.66
N ASP A 34 10.56 8.92 22.50
CA ASP A 34 9.14 8.72 22.40
C ASP A 34 8.95 7.24 22.66
N CYS A 35 8.47 6.89 23.85
CA CYS A 35 8.28 5.48 24.18
C CYS A 35 6.86 5.01 23.91
N THR A 36 6.15 5.70 23.01
CA THR A 36 4.76 5.36 22.81
C THR A 36 4.55 3.90 22.45
N ARG A 37 3.73 3.24 23.26
CA ARG A 37 3.42 1.84 23.01
C ARG A 37 4.64 0.94 22.94
N THR A 38 5.66 1.20 23.75
CA THR A 38 6.85 0.37 23.72
C THR A 38 6.78 -0.64 24.83
N GLY A 39 5.92 -0.41 25.82
CA GLY A 39 5.87 -1.34 26.95
C GLY A 39 6.79 -0.85 28.07
N TYR A 40 7.41 0.32 27.88
CA TYR A 40 8.30 0.90 28.88
C TYR A 40 8.04 2.37 29.05
N SER A 41 8.44 2.88 30.19
CA SER A 41 8.30 4.28 30.54
C SER A 41 9.67 4.75 30.96
N GLY A 42 9.78 6.03 31.27
CA GLY A 42 11.06 6.57 31.68
C GLY A 42 11.70 7.36 30.57
N PRO A 43 12.70 8.21 30.89
CA PRO A 43 13.43 9.05 29.95
C PRO A 43 14.07 8.29 28.80
N ASN A 44 14.35 7.00 29.00
CA ASN A 44 14.98 6.18 27.95
C ASN A 44 14.17 4.93 27.60
N CYS A 45 12.91 4.88 28.01
CA CYS A 45 12.03 3.76 27.71
C CYS A 45 12.66 2.50 28.28
N THR A 46 12.94 2.53 29.56
CA THR A 46 13.60 1.44 30.25
C THR A 46 12.85 0.78 31.40
N ILE A 47 11.83 1.46 31.93
CA ILE A 47 11.03 0.95 33.03
C ILE A 47 9.85 0.24 32.41
N PRO A 48 9.80 -1.08 32.53
CA PRO A 48 8.72 -1.88 31.96
C PRO A 48 7.41 -1.80 32.74
N GLU A 49 6.35 -2.37 32.13
CA GLU A 49 5.02 -2.47 32.71
C GLU A 49 5.01 -3.88 33.26
N ILE A 50 4.20 -4.15 34.29
CA ILE A 50 4.19 -5.46 34.89
C ILE A 50 4.09 -6.60 33.88
N TRP A 51 3.26 -6.43 32.87
CA TRP A 51 3.09 -7.48 31.87
C TRP A 51 4.35 -7.62 31.01
N THR A 52 4.85 -6.49 30.51
CA THR A 52 6.06 -6.47 29.70
C THR A 52 7.14 -7.18 30.47
N TRP A 53 7.20 -6.91 31.76
CA TRP A 53 8.19 -7.51 32.61
C TRP A 53 8.07 -9.03 32.57
N LEU A 54 6.88 -9.54 32.83
CA LEU A 54 6.66 -10.98 32.80
C LEU A 54 7.03 -11.53 31.43
N ARG A 55 6.34 -11.01 30.41
CA ARG A 55 6.52 -11.44 29.03
C ARG A 55 7.97 -11.65 28.66
N THR A 56 8.85 -10.77 29.12
CA THR A 56 10.25 -10.93 28.80
C THR A 56 11.01 -11.81 29.80
N THR A 57 10.78 -11.64 31.09
CA THR A 57 11.50 -12.48 32.07
C THR A 57 11.19 -13.95 31.86
N LEU A 58 10.13 -14.25 31.13
CA LEU A 58 9.78 -15.63 30.84
C LEU A 58 10.09 -16.07 29.38
N ARG A 59 10.71 -15.21 28.57
CA ARG A 59 11.01 -15.60 27.19
C ARG A 59 12.26 -16.46 27.11
N PRO A 60 12.09 -17.76 26.79
CA PRO A 60 13.23 -18.67 26.68
C PRO A 60 14.06 -18.20 25.51
N SER A 61 15.36 -18.35 25.62
CA SER A 61 16.21 -17.93 24.55
C SER A 61 15.86 -18.55 23.21
N PRO A 62 16.21 -17.83 22.13
CA PRO A 62 16.02 -18.14 20.70
C PRO A 62 16.89 -19.32 20.41
N SER A 63 17.79 -19.51 21.37
CA SER A 63 18.73 -20.59 21.40
C SER A 63 17.98 -21.80 21.99
N PHE A 64 17.27 -21.57 23.09
CA PHE A 64 16.55 -22.63 23.73
C PHE A 64 15.53 -23.17 22.78
N ILE A 65 14.90 -22.26 22.08
CA ILE A 65 13.90 -22.70 21.18
C ILE A 65 14.43 -23.44 20.00
N HIS A 66 15.45 -22.88 19.35
CA HIS A 66 16.06 -23.53 18.19
C HIS A 66 16.53 -24.95 18.54
N PHE A 67 16.61 -25.24 19.83
CA PHE A 67 17.03 -26.53 20.30
C PHE A 67 15.84 -27.46 20.16
N LEU A 68 14.79 -27.06 20.80
CA LEU A 68 13.58 -27.82 20.78
C LEU A 68 13.12 -28.13 19.34
N LEU A 69 12.96 -27.10 18.50
CA LEU A 69 12.48 -27.30 17.12
C LEU A 69 13.30 -28.20 16.25
N THR A 70 14.50 -28.48 16.71
CA THR A 70 15.41 -29.32 15.98
C THR A 70 15.60 -30.62 16.73
N HIS A 71 14.72 -30.88 17.68
CA HIS A 71 14.88 -32.09 18.46
C HIS A 71 13.57 -32.81 18.75
N GLY A 72 13.67 -34.12 19.06
CA GLY A 72 12.49 -34.88 19.40
C GLY A 72 11.63 -35.26 18.23
N ARG A 73 12.26 -35.59 17.09
CA ARG A 73 11.53 -35.97 15.87
C ARG A 73 10.21 -36.69 16.17
N TRP A 74 10.26 -37.61 17.13
CA TRP A 74 9.09 -38.39 17.52
C TRP A 74 8.00 -37.55 18.10
N LEU A 75 8.34 -36.68 19.02
CA LEU A 75 7.36 -35.82 19.64
C LEU A 75 6.78 -34.90 18.58
N TRP A 76 7.63 -34.38 17.70
CA TRP A 76 7.17 -33.49 16.65
C TRP A 76 6.22 -34.18 15.72
N ASP A 77 6.54 -35.40 15.32
CA ASP A 77 5.69 -36.17 14.42
C ASP A 77 4.23 -36.17 14.85
N PHE A 78 4.03 -36.35 16.15
CA PHE A 78 2.71 -36.34 16.74
C PHE A 78 2.08 -34.94 16.62
N VAL A 79 2.76 -33.95 17.18
CA VAL A 79 2.32 -32.56 17.12
C VAL A 79 1.97 -32.26 15.68
N ASN A 80 2.90 -32.50 14.78
CA ASN A 80 2.63 -32.29 13.35
C ASN A 80 1.31 -32.86 12.88
N ALA A 81 0.83 -33.90 13.55
CA ALA A 81 -0.40 -34.53 13.11
C ALA A 81 -1.64 -34.05 13.88
N THR A 82 -1.38 -33.29 14.92
CA THR A 82 -2.43 -32.76 15.75
C THR A 82 -2.77 -31.44 15.16
N PHE A 83 -3.73 -30.77 15.78
CA PHE A 83 -4.13 -29.46 15.30
C PHE A 83 -3.04 -28.46 15.67
N ILE A 84 -2.27 -28.80 16.67
CA ILE A 84 -1.21 -27.92 17.10
C ILE A 84 -0.27 -27.36 15.96
N ARG A 85 -0.11 -28.10 14.83
CA ARG A 85 0.75 -27.65 13.69
C ARG A 85 0.32 -26.29 13.21
N ASP A 86 -0.98 -26.05 13.30
CA ASP A 86 -1.52 -24.78 12.90
C ASP A 86 -1.26 -23.78 14.02
N THR A 87 -1.64 -24.18 15.21
CA THR A 87 -1.50 -23.31 16.33
C THR A 87 -0.11 -22.72 16.50
N LEU A 88 0.92 -23.55 16.44
CA LEU A 88 2.26 -23.03 16.58
C LEU A 88 2.47 -22.05 15.46
N MET A 89 2.46 -22.58 14.23
CA MET A 89 2.69 -21.78 13.03
C MET A 89 2.09 -20.41 13.11
N ARG A 90 0.82 -20.35 13.52
CA ARG A 90 0.15 -19.07 13.65
C ARG A 90 0.96 -18.16 14.56
N LEU A 91 1.26 -18.68 15.75
CA LEU A 91 2.02 -17.94 16.73
C LEU A 91 3.29 -17.40 16.11
N VAL A 92 3.95 -18.27 15.35
CA VAL A 92 5.19 -17.88 14.68
C VAL A 92 4.88 -16.72 13.75
N LEU A 93 3.86 -16.91 12.93
CA LEU A 93 3.49 -15.89 11.99
C LEU A 93 3.25 -14.57 12.72
N THR A 94 2.29 -14.52 13.63
CA THR A 94 1.98 -13.28 14.31
C THR A 94 3.19 -12.64 14.95
N VAL A 95 3.77 -13.40 15.85
CA VAL A 95 4.91 -12.96 16.61
C VAL A 95 6.08 -12.50 15.80
N ARG A 96 6.52 -13.36 14.90
CA ARG A 96 7.65 -13.06 14.05
C ARG A 96 7.42 -11.69 13.36
N SER A 97 6.25 -11.53 12.76
CA SER A 97 5.90 -10.32 12.03
C SER A 97 5.91 -9.03 12.80
N ASN A 98 5.45 -9.07 14.02
CA ASN A 98 5.40 -7.87 14.85
C ASN A 98 6.72 -7.10 14.85
N LEU A 99 7.81 -7.82 14.68
CA LEU A 99 9.12 -7.22 14.67
C LEU A 99 9.33 -6.22 13.54
N ILE A 100 8.50 -6.30 12.51
CA ILE A 100 8.61 -5.46 11.33
C ILE A 100 7.45 -4.44 11.26
N PRO A 101 7.75 -3.14 11.18
CA PRO A 101 6.77 -2.06 11.11
C PRO A 101 5.99 -1.87 9.81
N SER A 102 4.72 -1.55 9.91
CA SER A 102 3.89 -1.31 8.75
C SER A 102 2.77 -0.48 9.22
N PRO A 103 2.51 0.61 8.52
CA PRO A 103 3.29 0.98 7.34
C PRO A 103 4.74 1.25 7.69
N PRO A 104 5.63 1.20 6.68
CA PRO A 104 7.08 1.41 6.76
C PRO A 104 7.39 2.72 7.41
N THR A 105 8.62 2.87 7.92
CA THR A 105 9.01 4.09 8.60
C THR A 105 10.08 4.96 7.93
N TYR A 106 11.38 4.67 8.14
CA TYR A 106 12.46 5.49 7.56
C TYR A 106 13.05 5.03 6.23
N ASN A 107 13.85 5.89 5.60
CA ASN A 107 14.51 5.52 4.36
C ASN A 107 15.89 6.20 4.29
N ILE A 108 16.69 5.93 3.24
CA ILE A 108 18.02 6.55 3.17
C ILE A 108 17.97 8.05 3.41
N ALA A 109 16.89 8.68 2.97
CA ALA A 109 16.71 10.13 3.09
C ALA A 109 16.04 10.64 4.35
N HIS A 110 15.24 9.82 5.03
CA HIS A 110 14.54 10.30 6.20
C HIS A 110 14.61 9.41 7.41
N ASP A 111 15.25 9.93 8.45
CA ASP A 111 15.34 9.18 9.69
C ASP A 111 14.21 9.66 10.57
N TYR A 112 13.06 9.79 9.95
CA TYR A 112 11.84 10.18 10.61
C TYR A 112 10.67 9.74 9.72
N ILE A 113 9.47 9.59 10.30
CA ILE A 113 8.29 9.21 9.52
C ILE A 113 7.98 10.39 8.58
N SER A 114 7.46 10.11 7.40
CA SER A 114 7.18 11.22 6.50
C SER A 114 6.34 10.76 5.34
N TRP A 115 5.50 11.64 4.82
CA TRP A 115 4.66 11.23 3.71
C TRP A 115 5.49 10.72 2.56
N GLU A 116 6.61 11.38 2.27
CA GLU A 116 7.48 10.97 1.15
C GLU A 116 8.06 9.60 1.34
N SER A 117 8.38 9.26 2.58
CA SER A 117 8.96 7.96 2.83
C SER A 117 7.89 6.93 2.55
N PHE A 118 6.72 7.20 3.11
CA PHE A 118 5.57 6.32 2.97
C PHE A 118 5.09 6.18 1.55
N SER A 119 5.28 7.20 0.75
CA SER A 119 4.79 7.10 -0.58
C SER A 119 5.82 6.90 -1.68
N ASN A 120 7.06 7.37 -1.50
CA ASN A 120 8.06 7.18 -2.57
C ASN A 120 8.58 5.78 -2.49
N VAL A 121 8.04 4.92 -3.31
CA VAL A 121 8.38 3.52 -3.33
C VAL A 121 9.75 3.14 -3.96
N SER A 122 10.51 4.14 -4.43
CA SER A 122 11.81 3.86 -5.01
C SER A 122 12.84 3.61 -3.92
N TYR A 123 12.53 4.01 -2.69
CA TYR A 123 13.44 3.78 -1.58
C TYR A 123 13.24 2.40 -0.91
N TYR A 124 14.32 1.82 -0.38
CA TYR A 124 14.25 0.59 0.39
C TYR A 124 13.97 1.27 1.71
N THR A 125 13.29 0.61 2.60
CA THR A 125 13.01 1.23 3.88
C THR A 125 14.13 0.73 4.76
N ARG A 126 14.12 1.06 6.06
CA ARG A 126 15.11 0.61 7.03
C ARG A 126 14.42 0.61 8.38
N ILE A 127 14.78 -0.33 9.24
CA ILE A 127 14.18 -0.51 10.58
C ILE A 127 14.71 0.46 11.61
N LEU A 128 16.00 0.73 11.54
CA LEU A 128 16.61 1.66 12.48
C LEU A 128 17.17 2.80 11.68
N PRO A 129 17.02 4.02 12.18
CA PRO A 129 17.54 5.21 11.49
C PRO A 129 19.04 5.12 11.39
N SER A 130 19.62 5.95 10.55
CA SER A 130 21.06 5.91 10.39
C SER A 130 21.84 6.46 11.59
N VAL A 131 23.14 6.27 11.56
CA VAL A 131 24.00 6.79 12.58
C VAL A 131 24.13 8.24 12.15
N PRO A 132 23.60 9.15 12.96
CA PRO A 132 23.62 10.60 12.69
C PRO A 132 24.97 10.97 12.12
N ARG A 133 24.98 11.79 11.07
CA ARG A 133 26.23 12.19 10.41
C ARG A 133 27.17 13.07 11.26
N ASP A 134 26.69 13.48 12.43
CA ASP A 134 27.44 14.34 13.34
C ASP A 134 27.90 13.66 14.64
N CYS A 135 28.11 12.34 14.58
CA CYS A 135 28.56 11.61 15.74
C CYS A 135 30.08 11.50 15.75
N PRO A 136 30.68 11.36 16.94
CA PRO A 136 32.13 11.25 17.07
C PRO A 136 32.76 10.18 16.16
N THR A 137 32.25 8.95 16.24
CA THR A 137 32.76 7.87 15.43
C THR A 137 31.69 7.41 14.47
N PRO A 138 32.08 6.71 13.39
CA PRO A 138 31.20 6.18 12.35
C PRO A 138 30.02 5.37 12.86
N MET A 139 30.20 4.74 14.01
CA MET A 139 29.16 3.92 14.60
C MET A 139 28.46 4.61 15.75
N GLY A 140 28.69 5.91 15.88
CA GLY A 140 28.05 6.67 16.93
C GLY A 140 29.03 7.19 17.98
N THR A 141 29.07 6.50 19.11
CA THR A 141 29.94 6.90 20.19
C THR A 141 31.17 6.01 20.43
N LYS A 142 31.11 4.73 20.04
CA LYS A 142 32.21 3.81 20.28
C LYS A 142 33.03 3.36 19.08
N GLY A 143 34.13 2.66 19.34
CA GLY A 143 34.97 2.19 18.25
C GLY A 143 35.94 3.27 17.79
N LYS A 144 36.64 3.01 16.70
CA LYS A 144 37.61 3.98 16.21
C LYS A 144 36.98 4.97 15.23
N LYS A 145 37.70 6.06 14.98
CA LYS A 145 37.25 7.12 14.06
C LYS A 145 37.34 6.66 12.62
N GLN A 146 38.05 5.58 12.43
CA GLN A 146 38.27 4.99 11.11
C GLN A 146 37.80 3.53 11.26
N LEU A 147 37.13 3.01 10.26
CA LEU A 147 36.63 1.65 10.33
C LEU A 147 37.55 0.71 9.54
N PRO A 148 37.58 -0.58 9.92
CA PRO A 148 38.44 -1.55 9.23
C PRO A 148 38.33 -1.49 7.70
N ASP A 149 39.45 -1.55 7.01
CA ASP A 149 39.44 -1.55 5.55
C ASP A 149 38.58 -2.74 5.07
N ALA A 150 37.50 -2.44 4.34
CA ALA A 150 36.59 -3.46 3.84
C ALA A 150 37.31 -4.60 3.18
N GLU A 151 38.18 -4.26 2.24
CA GLU A 151 38.98 -5.23 1.49
C GLU A 151 39.70 -6.27 2.40
N PHE A 152 40.45 -5.74 3.36
CA PHE A 152 41.25 -6.48 4.32
C PHE A 152 40.42 -7.36 5.24
N LEU A 153 39.37 -6.75 5.76
CA LEU A 153 38.43 -7.42 6.63
C LEU A 153 37.88 -8.59 5.82
N SER A 154 37.65 -8.36 4.54
CA SER A 154 37.11 -9.40 3.70
C SER A 154 38.08 -10.56 3.47
N ARG A 155 39.35 -10.26 3.21
CA ARG A 155 40.36 -11.31 2.98
C ARG A 155 40.77 -12.09 4.24
N ARG A 156 40.74 -11.40 5.39
CA ARG A 156 41.09 -11.97 6.68
C ARG A 156 40.03 -12.88 7.27
N PHE A 157 38.76 -12.47 7.23
CA PHE A 157 37.72 -13.29 7.82
C PHE A 157 36.63 -13.89 6.97
N LEU A 158 36.55 -13.57 5.68
CA LEU A 158 35.49 -14.09 4.84
C LEU A 158 36.03 -14.90 3.68
N LEU A 159 37.28 -14.67 3.32
CA LEU A 159 37.88 -15.43 2.22
C LEU A 159 37.88 -16.93 2.53
N ARG A 160 37.26 -17.70 1.64
CA ARG A 160 37.19 -19.13 1.79
C ARG A 160 38.58 -19.69 1.65
N ARG A 161 39.05 -20.36 2.70
CA ARG A 161 40.35 -21.00 2.66
C ARG A 161 40.11 -22.46 2.28
N LYS A 162 39.25 -23.13 3.04
CA LYS A 162 38.93 -24.53 2.77
C LYS A 162 37.41 -24.53 2.75
N PHE A 163 36.83 -25.13 1.72
CA PHE A 163 35.38 -25.20 1.57
C PHE A 163 34.68 -25.91 2.72
N ILE A 164 33.79 -25.20 3.39
CA ILE A 164 33.05 -25.78 4.49
C ILE A 164 31.66 -26.02 3.96
N PRO A 165 31.30 -27.27 3.68
CA PRO A 165 29.96 -27.51 3.16
C PRO A 165 28.93 -27.33 4.27
N ASP A 166 27.71 -26.95 3.90
CA ASP A 166 26.65 -26.76 4.88
C ASP A 166 26.25 -28.08 5.51
N PRO A 167 26.32 -28.17 6.85
CA PRO A 167 25.97 -29.37 7.59
C PRO A 167 24.53 -29.78 7.39
N GLN A 168 23.64 -28.85 7.08
CA GLN A 168 22.23 -29.18 6.92
C GLN A 168 21.88 -30.00 5.67
N GLY A 169 22.76 -29.95 4.67
CA GLY A 169 22.53 -30.74 3.48
C GLY A 169 22.11 -29.94 2.28
N THR A 170 21.93 -28.64 2.48
CA THR A 170 21.53 -27.74 1.41
C THR A 170 22.42 -27.98 0.17
N ASN A 171 21.79 -27.95 -1.01
CA ASN A 171 22.47 -28.16 -2.30
C ASN A 171 22.39 -26.89 -3.18
N LEU A 172 22.98 -26.93 -4.36
CA LEU A 172 22.94 -25.75 -5.21
C LEU A 172 21.56 -25.48 -5.75
N MET A 173 20.68 -26.47 -5.72
CA MET A 173 19.33 -26.28 -6.21
C MET A 173 18.66 -25.22 -5.36
N PHE A 174 18.89 -25.32 -4.07
CA PHE A 174 18.36 -24.39 -3.07
C PHE A 174 19.06 -23.06 -3.27
N ALA A 175 20.38 -23.11 -3.40
CA ALA A 175 21.20 -21.93 -3.59
C ALA A 175 20.68 -21.12 -4.74
N PHE A 176 20.62 -21.74 -5.91
CA PHE A 176 20.09 -20.99 -7.05
C PHE A 176 18.63 -20.57 -6.84
N PHE A 177 17.88 -21.39 -6.14
CA PHE A 177 16.52 -20.99 -5.90
C PHE A 177 16.54 -19.68 -5.12
N ALA A 178 17.31 -19.64 -4.06
CA ALA A 178 17.40 -18.44 -3.23
C ALA A 178 17.81 -17.25 -4.03
N GLN A 179 18.77 -17.47 -4.90
CA GLN A 179 19.30 -16.40 -5.70
C GLN A 179 18.25 -15.85 -6.61
N HIS A 180 17.53 -16.73 -7.28
CA HIS A 180 16.47 -16.33 -8.20
C HIS A 180 15.41 -15.49 -7.52
N PHE A 181 14.74 -16.12 -6.57
CA PHE A 181 13.65 -15.56 -5.77
C PHE A 181 13.96 -14.19 -5.12
N THR A 182 15.17 -14.04 -4.61
CA THR A 182 15.55 -12.81 -3.95
C THR A 182 15.72 -11.65 -4.90
N HIS A 183 16.16 -11.95 -6.12
CA HIS A 183 16.39 -10.90 -7.09
C HIS A 183 15.16 -10.38 -7.80
N GLN A 184 13.98 -10.65 -7.20
CA GLN A 184 12.67 -10.17 -7.68
C GLN A 184 12.25 -9.08 -6.69
N PHE A 185 12.89 -9.07 -5.52
CA PHE A 185 12.63 -8.03 -4.53
C PHE A 185 13.87 -7.33 -3.99
N PHE A 186 15.01 -7.63 -4.62
CA PHE A 186 16.27 -6.99 -4.32
C PHE A 186 16.73 -6.57 -5.71
N LYS A 187 16.78 -5.27 -5.97
CA LYS A 187 17.13 -4.85 -7.30
C LYS A 187 17.58 -3.39 -7.22
N THR A 188 18.73 -3.18 -6.60
CA THR A 188 19.21 -1.84 -6.41
C THR A 188 19.48 -1.00 -7.67
N SER A 189 18.91 0.20 -7.71
CA SER A 189 19.08 1.11 -8.84
C SER A 189 20.50 1.67 -8.89
N GLY A 190 21.33 1.08 -9.72
CA GLY A 190 22.70 1.55 -9.82
C GLY A 190 22.78 2.99 -10.26
N LYS A 191 21.76 3.42 -10.98
CA LYS A 191 21.68 4.80 -11.49
C LYS A 191 21.34 5.80 -10.38
N MET A 192 20.55 5.36 -9.40
CA MET A 192 20.15 6.21 -8.30
C MET A 192 21.06 6.13 -7.09
N GLY A 193 21.77 5.02 -6.94
CA GLY A 193 22.66 4.89 -5.81
C GLY A 193 22.10 3.90 -4.81
N PRO A 194 22.83 3.66 -3.71
CA PRO A 194 22.31 2.70 -2.75
C PRO A 194 21.08 3.32 -2.12
N GLY A 195 20.24 2.47 -1.57
CA GLY A 195 19.02 2.95 -0.93
C GLY A 195 17.84 2.98 -1.85
N PHE A 196 18.09 2.87 -3.14
CA PHE A 196 17.08 2.88 -4.17
C PHE A 196 16.93 1.55 -4.87
N THR A 197 15.68 1.15 -5.12
CA THR A 197 15.33 -0.13 -5.75
C THR A 197 14.52 0.08 -7.02
N LYS A 198 14.64 -0.87 -7.95
CA LYS A 198 13.91 -0.82 -9.21
C LYS A 198 12.73 -1.75 -9.07
N ALA A 199 12.77 -2.57 -8.03
CA ALA A 199 11.73 -3.55 -7.76
C ALA A 199 10.57 -2.96 -6.94
N LEU A 200 9.88 -1.94 -7.48
CA LEU A 200 8.72 -1.33 -6.78
C LEU A 200 7.86 -2.54 -6.81
N GLY A 201 7.21 -2.89 -5.72
CA GLY A 201 6.47 -4.15 -5.73
C GLY A 201 6.88 -4.68 -4.38
N HIS A 202 8.16 -4.48 -4.09
CA HIS A 202 8.74 -4.82 -2.80
C HIS A 202 8.28 -6.17 -2.29
N GLY A 203 8.35 -7.19 -3.13
CA GLY A 203 7.90 -8.47 -2.63
C GLY A 203 7.72 -9.50 -3.70
N VAL A 204 6.99 -10.56 -3.35
CA VAL A 204 6.76 -11.61 -4.29
C VAL A 204 5.73 -11.24 -5.37
N ASP A 205 6.08 -10.35 -6.30
CA ASP A 205 5.15 -10.00 -7.38
C ASP A 205 5.49 -10.85 -8.63
N LEU A 206 6.52 -11.66 -8.50
CA LEU A 206 7.01 -12.49 -9.60
C LEU A 206 7.49 -11.62 -10.75
N GLY A 207 7.98 -10.46 -10.40
CA GLY A 207 8.43 -9.57 -11.45
C GLY A 207 9.72 -9.99 -12.11
N HIS A 208 10.37 -10.99 -11.53
CA HIS A 208 11.59 -11.48 -12.14
C HIS A 208 11.19 -12.42 -13.26
N ILE A 209 9.89 -12.71 -13.40
CA ILE A 209 9.40 -13.56 -14.49
C ILE A 209 8.74 -12.71 -15.54
N TYR A 210 7.83 -11.83 -15.10
CA TYR A 210 7.09 -10.94 -16.01
C TYR A 210 7.67 -9.55 -16.30
N GLY A 211 8.69 -9.13 -15.56
CA GLY A 211 9.26 -7.81 -15.81
C GLY A 211 8.89 -6.84 -14.69
N ASP A 212 9.73 -5.84 -14.46
CA ASP A 212 9.46 -4.86 -13.40
C ASP A 212 8.69 -3.66 -13.94
N ASN A 213 8.11 -3.80 -15.13
CA ASN A 213 7.33 -2.73 -15.73
C ASN A 213 6.53 -3.19 -16.94
N LEU A 214 5.36 -2.59 -17.06
CA LEU A 214 4.41 -2.89 -18.12
C LEU A 214 5.01 -3.09 -19.48
N GLU A 215 5.77 -2.11 -19.95
CA GLU A 215 6.42 -2.18 -21.27
C GLU A 215 7.11 -3.53 -21.50
N ARG A 216 7.94 -3.93 -20.53
CA ARG A 216 8.72 -5.16 -20.57
C ARG A 216 7.83 -6.39 -20.49
N GLN A 217 6.76 -6.32 -19.72
CA GLN A 217 5.88 -7.48 -19.65
C GLN A 217 5.29 -7.67 -21.04
N TYR A 218 4.82 -6.58 -21.65
CA TYR A 218 4.23 -6.66 -22.97
C TYR A 218 5.17 -7.19 -24.01
N GLN A 219 6.47 -7.07 -23.76
CA GLN A 219 7.50 -7.53 -24.69
C GLN A 219 7.63 -9.03 -24.59
N LEU A 220 7.56 -9.50 -23.37
CA LEU A 220 7.70 -10.90 -23.05
C LEU A 220 6.44 -11.66 -23.30
N ARG A 221 5.31 -10.97 -23.48
CA ARG A 221 4.04 -11.67 -23.66
C ARG A 221 3.68 -12.12 -25.04
N LEU A 222 3.08 -13.31 -25.13
CA LEU A 222 2.68 -13.86 -26.41
C LEU A 222 1.44 -13.15 -26.91
N PHE A 223 0.61 -12.69 -25.98
CA PHE A 223 -0.65 -12.03 -26.29
C PHE A 223 -1.57 -13.04 -26.97
N LYS A 224 -1.42 -14.29 -26.55
CA LYS A 224 -2.22 -15.41 -27.04
C LYS A 224 -2.37 -16.44 -25.92
N ASP A 225 -3.61 -16.75 -25.57
CA ASP A 225 -3.95 -17.72 -24.52
C ASP A 225 -3.39 -17.42 -23.16
N GLY A 226 -2.90 -16.20 -22.99
CA GLY A 226 -2.34 -15.79 -21.72
C GLY A 226 -0.89 -16.22 -21.61
N LYS A 227 -0.42 -16.86 -22.67
CA LYS A 227 0.93 -17.35 -22.75
C LYS A 227 1.99 -16.28 -22.85
N LEU A 228 3.15 -16.68 -22.32
CA LEU A 228 4.37 -15.92 -22.27
C LEU A 228 5.10 -16.44 -23.51
N LYS A 229 5.80 -15.57 -24.24
CA LYS A 229 6.52 -15.99 -25.43
C LYS A 229 7.56 -17.05 -25.07
N TYR A 230 8.18 -17.65 -26.09
CA TYR A 230 9.22 -18.65 -25.85
C TYR A 230 9.72 -19.16 -27.19
N GLN A 231 10.64 -20.12 -27.14
CA GLN A 231 11.26 -20.72 -28.33
C GLN A 231 11.53 -22.20 -28.10
N MET A 232 11.63 -22.94 -29.19
CA MET A 232 11.89 -24.37 -29.11
C MET A 232 13.32 -24.58 -29.58
N LEU A 233 14.08 -25.31 -28.78
CA LEU A 233 15.46 -25.62 -29.11
C LEU A 233 15.51 -27.06 -28.68
N ASN A 234 16.00 -27.93 -29.55
CA ASN A 234 16.09 -29.35 -29.22
C ASN A 234 14.75 -29.94 -28.81
N GLY A 235 13.67 -29.43 -29.41
CA GLY A 235 12.35 -29.92 -29.09
C GLY A 235 11.90 -29.51 -27.68
N GLU A 236 12.63 -28.59 -27.08
CA GLU A 236 12.30 -28.13 -25.75
C GLU A 236 11.99 -26.63 -25.71
N VAL A 237 11.15 -26.27 -24.74
CA VAL A 237 10.71 -24.92 -24.55
C VAL A 237 11.67 -24.11 -23.71
N TYR A 238 12.10 -22.97 -24.26
CA TYR A 238 13.02 -22.09 -23.55
C TYR A 238 12.62 -20.65 -23.74
N PRO A 239 13.08 -19.76 -22.85
CA PRO A 239 12.75 -18.34 -22.95
C PRO A 239 13.07 -17.87 -24.36
N PRO A 240 12.29 -16.92 -24.87
CA PRO A 240 12.52 -16.40 -26.22
C PRO A 240 13.84 -15.70 -26.31
N SER A 241 14.24 -15.36 -27.53
CA SER A 241 15.49 -14.65 -27.76
C SER A 241 15.22 -13.16 -27.70
N VAL A 242 16.27 -12.40 -27.43
CA VAL A 242 16.13 -10.97 -27.39
C VAL A 242 15.68 -10.49 -28.78
N GLU A 243 15.86 -11.31 -29.81
CA GLU A 243 15.42 -10.94 -31.16
C GLU A 243 13.87 -10.91 -31.27
N GLU A 244 13.25 -11.93 -30.68
CA GLU A 244 11.81 -12.11 -30.64
C GLU A 244 11.12 -11.18 -29.65
N ALA A 245 11.75 -11.05 -28.48
CA ALA A 245 11.28 -10.23 -27.38
C ALA A 245 12.36 -9.20 -27.07
N PRO A 246 12.44 -8.14 -27.89
CA PRO A 246 13.41 -7.03 -27.78
C PRO A 246 13.33 -6.35 -26.44
N VAL A 247 13.87 -7.02 -25.44
CA VAL A 247 13.87 -6.55 -24.07
C VAL A 247 15.32 -6.32 -23.61
N LEU A 248 15.56 -5.41 -22.65
CA LEU A 248 16.92 -5.14 -22.18
C LEU A 248 17.46 -6.24 -21.29
N MET A 249 18.63 -6.75 -21.65
CA MET A 249 19.27 -7.80 -20.88
C MET A 249 20.71 -7.39 -20.65
N HIS A 250 21.31 -7.93 -19.59
CA HIS A 250 22.69 -7.63 -19.31
C HIS A 250 23.54 -8.84 -19.71
N TYR A 251 24.05 -8.80 -20.94
CA TYR A 251 24.93 -9.85 -21.46
C TYR A 251 26.22 -9.12 -21.83
N PRO A 252 27.38 -9.77 -21.67
CA PRO A 252 28.61 -9.04 -22.03
C PRO A 252 28.66 -8.61 -23.50
N ARG A 253 29.28 -7.46 -23.75
CA ARG A 253 29.43 -6.95 -25.12
C ARG A 253 30.01 -8.05 -26.00
N GLY A 254 29.44 -8.21 -27.17
CA GLY A 254 29.96 -9.21 -28.07
C GLY A 254 29.04 -10.39 -28.26
N ILE A 255 27.98 -10.45 -27.45
CA ILE A 255 27.03 -11.52 -27.56
C ILE A 255 25.84 -10.99 -28.36
N PRO A 256 25.46 -11.69 -29.43
CA PRO A 256 24.33 -11.29 -30.28
C PRO A 256 23.00 -11.60 -29.66
N PRO A 257 21.99 -10.80 -30.01
CA PRO A 257 20.62 -10.91 -29.53
C PRO A 257 20.12 -12.34 -29.67
N GLN A 258 20.41 -12.92 -30.82
CA GLN A 258 20.00 -14.28 -31.13
C GLN A 258 20.63 -15.31 -30.21
N SER A 259 21.47 -14.87 -29.29
CA SER A 259 22.10 -15.81 -28.36
C SER A 259 21.77 -15.48 -26.91
N GLN A 260 20.94 -14.45 -26.75
CA GLN A 260 20.51 -13.99 -25.44
C GLN A 260 19.06 -14.34 -25.23
N MET A 261 18.72 -14.83 -24.05
CA MET A 261 17.34 -15.17 -23.76
C MET A 261 16.78 -13.99 -22.99
N ALA A 262 15.61 -13.52 -23.41
CA ALA A 262 14.94 -12.39 -22.77
C ALA A 262 14.14 -12.99 -21.63
N VAL A 263 14.25 -12.45 -20.42
CA VAL A 263 13.47 -13.06 -19.35
C VAL A 263 12.76 -12.21 -18.31
N GLY A 264 13.07 -10.93 -18.16
CA GLY A 264 12.30 -10.26 -17.11
C GLY A 264 13.17 -9.62 -16.09
N GLN A 265 14.16 -10.39 -15.63
CA GLN A 265 15.21 -9.94 -14.70
C GLN A 265 16.43 -9.86 -15.63
N GLU A 266 16.79 -8.65 -16.06
CA GLU A 266 17.90 -8.41 -16.99
C GLU A 266 19.19 -9.15 -16.64
N VAL A 267 19.40 -9.29 -15.36
CA VAL A 267 20.60 -9.89 -14.88
C VAL A 267 20.68 -11.39 -14.99
N PHE A 268 19.53 -12.06 -15.08
CA PHE A 268 19.52 -13.51 -15.11
C PHE A 268 20.31 -14.23 -16.20
N GLY A 269 20.79 -13.50 -17.22
CA GLY A 269 21.54 -14.18 -18.25
C GLY A 269 22.96 -14.63 -17.90
N LEU A 270 23.43 -14.24 -16.71
CA LEU A 270 24.81 -14.52 -16.34
C LEU A 270 25.01 -15.65 -15.38
N LEU A 271 24.35 -16.78 -15.63
CA LEU A 271 24.44 -17.94 -14.75
C LEU A 271 23.40 -19.00 -15.06
N PRO A 272 23.83 -20.16 -15.56
CA PRO A 272 22.87 -21.21 -15.88
C PRO A 272 21.84 -21.50 -14.78
N GLY A 273 22.25 -21.47 -13.52
CA GLY A 273 21.30 -21.75 -12.46
C GLY A 273 20.09 -20.82 -12.53
N LEU A 274 20.38 -19.55 -12.73
CA LEU A 274 19.39 -18.51 -12.83
C LEU A 274 18.52 -18.76 -14.04
N MET A 275 19.12 -18.88 -15.20
CA MET A 275 18.36 -19.15 -16.41
C MET A 275 17.68 -20.54 -16.37
N LEU A 276 18.07 -21.40 -15.43
CA LEU A 276 17.46 -22.73 -15.32
C LEU A 276 16.11 -22.48 -14.70
N TYR A 277 16.09 -21.79 -13.56
CA TYR A 277 14.84 -21.52 -12.91
C TYR A 277 13.93 -20.63 -13.73
N ALA A 278 14.49 -19.70 -14.50
CA ALA A 278 13.63 -18.85 -15.31
C ALA A 278 12.86 -19.71 -16.33
N THR A 279 13.50 -20.79 -16.79
CA THR A 279 12.90 -21.69 -17.75
C THR A 279 11.81 -22.53 -17.11
N ILE A 280 12.05 -23.05 -15.93
CA ILE A 280 11.03 -23.85 -15.25
C ILE A 280 9.76 -23.00 -15.04
N TRP A 281 9.92 -21.77 -14.58
CA TRP A 281 8.74 -20.97 -14.36
C TRP A 281 8.05 -20.59 -15.65
N LEU A 282 8.79 -20.18 -16.68
CA LEU A 282 8.13 -19.82 -17.93
C LEU A 282 7.30 -21.03 -18.35
N ARG A 283 7.90 -22.20 -18.33
CA ARG A 283 7.19 -23.41 -18.68
C ARG A 283 5.91 -23.54 -17.85
N GLU A 284 6.05 -23.43 -16.53
CA GLU A 284 4.93 -23.50 -15.62
C GLU A 284 3.80 -22.48 -15.92
N HIS A 285 4.16 -21.25 -16.28
CA HIS A 285 3.16 -20.25 -16.56
C HIS A 285 2.33 -20.64 -17.76
N ASN A 286 2.99 -21.06 -18.84
CA ASN A 286 2.26 -21.46 -20.03
C ASN A 286 1.40 -22.71 -19.78
N ARG A 287 1.87 -23.58 -18.86
CA ARG A 287 1.15 -24.84 -18.54
C ARG A 287 -0.16 -24.51 -17.88
N VAL A 288 -0.12 -23.55 -16.96
CA VAL A 288 -1.31 -23.14 -16.24
C VAL A 288 -2.26 -22.42 -17.18
N CYS A 289 -1.73 -21.70 -18.17
CA CYS A 289 -2.61 -21.02 -19.09
C CYS A 289 -3.52 -22.04 -19.71
N ASP A 290 -2.95 -23.16 -20.15
CA ASP A 290 -3.77 -24.20 -20.75
C ASP A 290 -4.83 -24.70 -19.79
N LEU A 291 -4.46 -25.02 -18.56
CA LEU A 291 -5.44 -25.48 -17.60
C LEU A 291 -6.59 -24.51 -17.47
N LEU A 292 -6.28 -23.23 -17.57
CA LEU A 292 -7.30 -22.22 -17.43
C LEU A 292 -8.22 -22.12 -18.62
N LYS A 293 -7.66 -21.94 -19.82
CA LYS A 293 -8.44 -21.82 -21.05
C LYS A 293 -9.45 -22.96 -21.17
N ALA A 294 -9.01 -24.15 -20.82
CA ALA A 294 -9.83 -25.35 -20.91
C ALA A 294 -11.08 -25.18 -20.11
N GLU A 295 -10.90 -24.58 -18.94
CA GLU A 295 -11.94 -24.33 -17.97
C GLU A 295 -12.81 -23.12 -18.34
N HIS A 296 -12.20 -22.13 -18.96
CA HIS A 296 -12.87 -20.89 -19.28
C HIS A 296 -12.66 -20.51 -20.75
N PRO A 297 -13.30 -21.24 -21.66
CA PRO A 297 -13.15 -20.96 -23.09
C PRO A 297 -13.48 -19.54 -23.43
N THR A 298 -14.32 -18.94 -22.60
CA THR A 298 -14.78 -17.58 -22.78
C THR A 298 -13.76 -16.47 -22.49
N TRP A 299 -12.73 -16.78 -21.71
CA TRP A 299 -11.73 -15.80 -21.30
C TRP A 299 -10.84 -15.38 -22.41
N GLY A 300 -10.23 -14.22 -22.21
CA GLY A 300 -9.31 -13.69 -23.18
C GLY A 300 -7.88 -13.84 -22.69
N ASP A 301 -6.97 -13.22 -23.44
CA ASP A 301 -5.54 -13.23 -23.13
C ASP A 301 -5.32 -12.66 -21.73
N GLU A 302 -5.56 -11.36 -21.57
CA GLU A 302 -5.41 -10.72 -20.26
C GLU A 302 -5.84 -11.56 -19.09
N GLN A 303 -7.09 -11.96 -19.05
CA GLN A 303 -7.54 -12.72 -17.90
C GLN A 303 -6.81 -14.05 -17.73
N LEU A 304 -6.53 -14.73 -18.82
CA LEU A 304 -5.79 -15.97 -18.67
C LEU A 304 -4.41 -15.54 -18.07
N PHE A 305 -3.76 -14.54 -18.68
CA PHE A 305 -2.49 -14.07 -18.19
C PHE A 305 -2.50 -13.62 -16.73
N GLN A 306 -3.40 -12.71 -16.39
CA GLN A 306 -3.48 -12.22 -15.03
C GLN A 306 -3.75 -13.35 -14.07
N THR A 307 -4.73 -14.21 -14.36
CA THR A 307 -5.02 -15.31 -13.44
C THR A 307 -3.84 -16.28 -13.37
N ALA A 308 -3.11 -16.46 -14.47
CA ALA A 308 -1.96 -17.37 -14.45
C ALA A 308 -0.95 -16.85 -13.42
N ARG A 309 -0.64 -15.56 -13.53
CA ARG A 309 0.30 -14.94 -12.63
C ARG A 309 -0.09 -15.01 -11.16
N LEU A 310 -1.38 -14.97 -10.85
CA LEU A 310 -1.77 -15.06 -9.45
C LEU A 310 -1.57 -16.47 -8.96
N ILE A 311 -1.74 -17.45 -9.84
CA ILE A 311 -1.55 -18.85 -9.43
C ILE A 311 -0.07 -19.10 -9.17
N LEU A 312 0.80 -18.55 -10.02
CA LEU A 312 2.23 -18.71 -9.80
C LEU A 312 2.68 -17.98 -8.54
N ILE A 313 2.12 -16.80 -8.25
CA ILE A 313 2.51 -16.09 -7.04
C ILE A 313 2.19 -17.01 -5.89
N GLY A 314 1.03 -17.63 -5.95
CA GLY A 314 0.63 -18.56 -4.90
C GLY A 314 1.56 -19.75 -4.82
N GLU A 315 1.90 -20.35 -5.96
CA GLU A 315 2.79 -21.50 -5.96
C GLU A 315 4.07 -21.14 -5.28
N THR A 316 4.65 -20.03 -5.75
CA THR A 316 5.88 -19.51 -5.22
C THR A 316 5.77 -19.33 -3.71
N ILE A 317 4.75 -18.61 -3.22
CA ILE A 317 4.66 -18.42 -1.79
C ILE A 317 4.65 -19.75 -1.05
N LYS A 318 3.96 -20.78 -1.57
CA LYS A 318 3.94 -22.09 -0.90
C LYS A 318 5.31 -22.81 -0.85
N ILE A 319 5.88 -23.08 -2.02
CA ILE A 319 7.20 -23.73 -2.08
C ILE A 319 8.17 -22.92 -1.23
N VAL A 320 8.22 -21.62 -1.48
CA VAL A 320 9.11 -20.76 -0.77
C VAL A 320 8.98 -20.97 0.73
N ILE A 321 7.75 -21.20 1.19
CA ILE A 321 7.48 -21.39 2.62
C ILE A 321 7.56 -22.78 3.24
N GLU A 322 7.01 -23.79 2.57
CA GLU A 322 7.02 -25.13 3.13
C GLU A 322 8.19 -26.02 2.79
N GLU A 323 8.98 -25.62 1.80
CA GLU A 323 10.12 -26.42 1.37
C GLU A 323 11.40 -25.60 1.45
N TYR A 324 11.30 -24.36 0.97
CA TYR A 324 12.43 -23.44 0.99
C TYR A 324 12.75 -23.05 2.42
N VAL A 325 11.78 -22.58 3.20
CA VAL A 325 12.04 -22.24 4.60
C VAL A 325 12.43 -23.47 5.39
N GLN A 326 11.51 -24.44 5.44
CA GLN A 326 11.70 -25.71 6.14
C GLN A 326 13.18 -26.20 6.13
N GLN A 327 13.76 -26.27 4.93
CA GLN A 327 15.14 -26.67 4.75
C GLN A 327 16.04 -25.76 5.57
N LEU A 328 15.95 -24.46 5.34
CA LEU A 328 16.78 -23.53 6.06
C LEU A 328 16.70 -23.75 7.55
N SER A 329 15.57 -23.48 8.17
CA SER A 329 15.40 -23.63 9.62
C SER A 329 16.04 -24.88 10.19
N GLY A 330 15.58 -26.01 9.65
CA GLY A 330 16.04 -27.34 10.07
C GLY A 330 15.07 -27.98 11.06
N TYR A 331 13.98 -27.26 11.31
CA TYR A 331 12.97 -27.69 12.26
C TYR A 331 12.23 -28.93 11.83
N PHE A 332 11.64 -29.58 12.83
CA PHE A 332 10.83 -30.77 12.62
C PHE A 332 9.38 -30.40 12.41
N LEU A 333 9.03 -29.19 12.83
CA LEU A 333 7.68 -28.65 12.75
C LEU A 333 7.25 -28.29 11.34
N GLN A 334 6.20 -28.95 10.89
CA GLN A 334 5.71 -28.74 9.55
C GLN A 334 5.15 -27.36 9.32
N LEU A 335 6.00 -26.47 8.80
CA LEU A 335 5.57 -25.10 8.53
C LEU A 335 4.43 -25.24 7.54
N LYS A 336 3.28 -24.69 7.90
CA LYS A 336 2.15 -24.78 7.02
C LYS A 336 1.86 -23.43 6.41
N PHE A 337 1.66 -23.37 5.11
CA PHE A 337 1.33 -22.12 4.46
C PHE A 337 -0.16 -22.10 4.37
N ASP A 338 -0.78 -21.27 5.18
CA ASP A 338 -2.20 -21.19 5.15
C ASP A 338 -2.51 -19.77 5.51
N PRO A 339 -2.94 -18.98 4.54
CA PRO A 339 -3.26 -17.57 4.75
C PRO A 339 -4.32 -17.36 5.80
N GLU A 340 -5.14 -18.39 6.05
CA GLU A 340 -6.24 -18.30 7.01
C GLU A 340 -5.87 -18.27 8.48
N LEU A 341 -4.68 -18.76 8.82
CA LEU A 341 -4.25 -18.77 10.20
C LEU A 341 -4.18 -17.32 10.66
N LEU A 342 -4.07 -16.40 9.71
CA LEU A 342 -3.96 -15.00 10.03
C LEU A 342 -5.27 -14.24 9.98
N PHE A 343 -6.33 -14.84 9.43
CA PHE A 343 -7.61 -14.13 9.34
C PHE A 343 -8.13 -13.59 10.69
N GLY A 344 -7.84 -14.23 11.79
CA GLY A 344 -8.32 -13.66 13.04
C GLY A 344 -7.41 -12.55 13.56
N ALA A 345 -6.13 -12.61 13.20
CA ALA A 345 -5.13 -11.64 13.68
C ALA A 345 -5.24 -10.24 13.15
N GLN A 346 -4.53 -9.33 13.79
CA GLN A 346 -4.47 -7.97 13.31
C GLN A 346 -3.18 -8.00 12.49
N PHE A 347 -3.30 -7.99 11.18
CA PHE A 347 -2.14 -8.06 10.28
C PHE A 347 -2.37 -7.05 9.16
N GLN A 348 -1.30 -6.47 8.60
CA GLN A 348 -1.37 -5.47 7.51
C GLN A 348 -0.90 -6.11 6.25
N TYR A 349 -1.78 -6.35 5.31
CA TYR A 349 -1.36 -6.98 4.08
C TYR A 349 -0.59 -5.99 3.23
N ARG A 350 0.62 -5.67 3.68
CA ARG A 350 1.47 -4.72 2.99
C ARG A 350 2.95 -5.02 3.32
N ASN A 351 3.86 -4.78 2.38
CA ASN A 351 5.28 -4.96 2.65
C ASN A 351 6.19 -3.89 1.97
N ARG A 352 7.42 -3.80 2.42
CA ARG A 352 8.36 -2.84 1.84
C ARG A 352 9.79 -3.32 2.13
N ILE A 353 10.56 -3.64 1.09
CA ILE A 353 11.91 -4.19 1.28
C ILE A 353 12.88 -3.24 1.98
N ALA A 354 13.37 -3.71 3.11
CA ALA A 354 14.28 -2.95 3.91
C ALA A 354 15.70 -3.15 3.49
N MET A 355 16.49 -2.10 3.59
CA MET A 355 17.88 -2.18 3.22
C MET A 355 18.56 -3.21 4.10
N GLU A 356 18.21 -3.27 5.38
CA GLU A 356 18.84 -4.25 6.28
C GLU A 356 18.64 -5.62 5.69
N PHE A 357 17.45 -5.80 5.14
CA PHE A 357 17.09 -7.07 4.57
C PHE A 357 17.87 -7.47 3.30
N ASN A 358 18.29 -6.49 2.52
CA ASN A 358 19.06 -6.72 1.29
C ASN A 358 20.47 -7.15 1.68
N GLN A 359 20.93 -6.65 2.80
CA GLN A 359 22.24 -7.01 3.30
C GLN A 359 22.18 -8.41 3.88
N LEU A 360 21.44 -8.56 5.00
CA LEU A 360 21.34 -9.82 5.69
C LEU A 360 21.02 -11.02 4.80
N TYR A 361 20.56 -10.75 3.60
CA TYR A 361 20.27 -11.83 2.69
C TYR A 361 21.39 -12.09 1.65
N HIS A 362 22.49 -11.33 1.70
CA HIS A 362 23.62 -11.44 0.73
C HIS A 362 24.52 -12.66 0.94
N TRP A 363 23.89 -13.83 0.97
CA TRP A 363 24.54 -15.13 1.21
C TRP A 363 25.48 -15.68 0.12
N HIS A 364 26.53 -14.95 -0.17
CA HIS A 364 27.43 -15.42 -1.19
C HIS A 364 28.29 -16.67 -0.83
N PRO A 365 28.43 -17.01 0.46
CA PRO A 365 29.23 -18.18 0.84
C PRO A 365 28.66 -19.48 0.33
N LEU A 366 27.38 -19.45 0.03
CA LEU A 366 26.70 -20.62 -0.46
C LEU A 366 27.37 -21.25 -1.72
N MET A 367 27.79 -20.42 -2.71
CA MET A 367 28.43 -20.85 -3.96
C MET A 367 29.61 -21.72 -3.63
N PRO A 368 29.80 -22.82 -4.38
CA PRO A 368 30.87 -23.80 -4.22
C PRO A 368 32.16 -23.33 -4.88
N ASP A 369 33.11 -24.27 -5.00
CA ASP A 369 34.41 -23.97 -5.60
C ASP A 369 34.40 -24.19 -7.09
N SER A 370 33.58 -25.14 -7.52
CA SER A 370 33.45 -25.50 -8.93
C SER A 370 32.03 -26.03 -9.08
N PHE A 371 31.54 -26.13 -10.30
CA PHE A 371 30.19 -26.61 -10.51
C PHE A 371 30.21 -27.92 -11.23
N ARG A 372 29.85 -28.97 -10.48
CA ARG A 372 29.84 -30.32 -11.03
C ARG A 372 28.53 -30.76 -11.66
N VAL A 373 28.63 -31.03 -12.95
CA VAL A 373 27.53 -31.53 -13.76
C VAL A 373 27.93 -32.93 -14.32
N GLY A 374 27.71 -33.95 -13.48
CA GLY A 374 28.05 -35.31 -13.83
C GLY A 374 29.55 -35.54 -13.68
N PRO A 375 30.19 -36.13 -14.70
CA PRO A 375 31.63 -36.38 -14.65
C PRO A 375 32.35 -35.06 -14.85
N GLN A 376 31.63 -34.13 -15.48
CA GLN A 376 32.11 -32.80 -15.77
C GLN A 376 32.12 -31.89 -14.58
N ASP A 377 33.24 -31.21 -14.39
CA ASP A 377 33.37 -30.30 -13.28
C ASP A 377 33.80 -28.96 -13.87
N TYR A 378 32.85 -28.02 -13.96
CA TYR A 378 33.11 -26.73 -14.55
C TYR A 378 33.60 -25.69 -13.60
N SER A 379 34.49 -24.83 -14.10
CA SER A 379 35.04 -23.75 -13.30
C SER A 379 34.12 -22.53 -13.37
N TYR A 380 34.37 -21.54 -12.49
CA TYR A 380 33.58 -20.32 -12.52
C TYR A 380 33.75 -19.75 -13.89
N GLU A 381 34.99 -19.69 -14.38
CA GLU A 381 35.21 -19.13 -15.72
C GLU A 381 34.49 -19.90 -16.83
N GLN A 382 34.02 -21.12 -16.57
CA GLN A 382 33.30 -21.84 -17.60
C GLN A 382 31.77 -21.74 -17.37
N PHE A 383 31.37 -21.45 -16.13
CA PHE A 383 29.97 -21.33 -15.73
C PHE A 383 29.41 -19.91 -16.00
N LEU A 384 30.01 -18.90 -15.39
CA LEU A 384 29.55 -17.51 -15.47
C LEU A 384 28.79 -16.84 -16.61
N PHE A 385 29.24 -16.89 -17.86
CA PHE A 385 28.36 -16.22 -18.86
C PHE A 385 28.02 -17.18 -19.96
N ASN A 386 27.94 -18.45 -19.55
CA ASN A 386 27.71 -19.58 -20.43
C ASN A 386 26.35 -19.66 -21.07
N THR A 387 26.26 -19.01 -22.21
CA THR A 387 25.05 -18.97 -22.98
C THR A 387 24.59 -20.33 -23.49
N SER A 388 25.48 -21.34 -23.51
CA SER A 388 25.12 -22.68 -24.04
C SER A 388 24.86 -23.84 -23.09
N MET A 389 25.38 -23.79 -21.86
CA MET A 389 25.22 -24.91 -20.95
C MET A 389 23.79 -25.39 -20.70
N LEU A 390 22.82 -24.48 -20.66
CA LEU A 390 21.44 -24.91 -20.38
C LEU A 390 20.79 -25.64 -21.52
N VAL A 391 20.91 -25.09 -22.72
CA VAL A 391 20.30 -25.73 -23.88
C VAL A 391 21.01 -27.04 -24.18
N ASP A 392 22.33 -27.07 -23.89
CA ASP A 392 23.18 -28.25 -24.10
C ASP A 392 22.69 -29.39 -23.21
N TYR A 393 22.69 -29.16 -21.90
CA TYR A 393 22.30 -30.17 -20.92
C TYR A 393 20.80 -30.34 -20.71
N GLY A 394 20.05 -29.25 -20.85
CA GLY A 394 18.63 -29.33 -20.63
C GLY A 394 18.28 -29.34 -19.14
N VAL A 395 17.07 -28.88 -18.84
CA VAL A 395 16.58 -28.77 -17.47
C VAL A 395 16.88 -29.93 -16.55
N GLU A 396 16.38 -31.11 -16.88
CA GLU A 396 16.58 -32.31 -16.05
C GLU A 396 18.01 -32.56 -15.56
N ALA A 397 18.94 -32.55 -16.50
CA ALA A 397 20.36 -32.77 -16.23
C ALA A 397 20.88 -31.81 -15.16
N LEU A 398 20.64 -30.52 -15.36
CA LEU A 398 21.07 -29.53 -14.40
C LEU A 398 20.31 -29.68 -13.10
N VAL A 399 19.02 -29.95 -13.16
CA VAL A 399 18.28 -30.06 -11.92
C VAL A 399 18.81 -31.18 -11.04
N ASP A 400 19.25 -32.26 -11.67
CA ASP A 400 19.75 -33.41 -10.93
C ASP A 400 21.09 -33.05 -10.32
N ALA A 401 21.89 -32.37 -11.13
CA ALA A 401 23.22 -31.94 -10.75
C ALA A 401 23.21 -31.03 -9.53
N PHE A 402 22.48 -29.93 -9.63
CA PHE A 402 22.45 -28.99 -8.54
C PHE A 402 21.82 -29.63 -7.31
N SER A 403 20.89 -30.56 -7.52
CA SER A 403 20.21 -31.22 -6.40
C SER A 403 21.12 -32.16 -5.65
N ARG A 404 22.21 -32.54 -6.31
CA ARG A 404 23.15 -33.47 -5.72
C ARG A 404 24.38 -32.82 -5.12
N GLN A 405 24.78 -31.66 -5.62
CA GLN A 405 25.98 -31.00 -5.11
C GLN A 405 25.75 -30.07 -3.95
N PRO A 406 26.37 -30.35 -2.82
CA PRO A 406 26.22 -29.51 -1.62
C PRO A 406 26.71 -28.08 -1.79
N ALA A 407 26.04 -27.18 -1.09
CA ALA A 407 26.39 -25.77 -1.07
C ALA A 407 27.11 -25.53 0.28
N GLY A 408 27.94 -24.50 0.34
CA GLY A 408 28.68 -24.26 1.57
C GLY A 408 27.97 -23.56 2.70
N ARG A 409 28.39 -23.83 3.93
CA ARG A 409 27.80 -23.21 5.13
C ARG A 409 27.76 -21.69 4.95
N ILE A 410 26.75 -21.04 5.51
CA ILE A 410 26.63 -19.60 5.37
C ILE A 410 27.20 -18.82 6.51
N GLY A 411 27.04 -19.32 7.74
CA GLY A 411 27.61 -18.62 8.88
C GLY A 411 28.97 -19.21 9.23
N GLY A 412 29.74 -18.53 10.09
CA GLY A 412 31.00 -19.09 10.53
C GLY A 412 32.31 -18.39 10.22
N GLY A 413 32.45 -17.82 9.02
CA GLY A 413 33.67 -17.15 8.63
C GLY A 413 34.46 -17.92 7.57
N ARG A 414 35.30 -17.19 6.83
CA ARG A 414 36.20 -17.72 5.79
C ARG A 414 35.65 -18.80 4.87
N ASN A 415 34.48 -18.55 4.27
CA ASN A 415 33.89 -19.53 3.37
C ASN A 415 33.34 -18.96 2.06
N ILE A 416 33.67 -17.70 1.73
CA ILE A 416 33.22 -17.09 0.47
C ILE A 416 34.29 -17.29 -0.58
N ASP A 417 33.98 -17.97 -1.68
CA ASP A 417 34.98 -18.18 -2.76
C ASP A 417 35.61 -16.87 -3.31
N HIS A 418 36.91 -16.88 -3.53
CA HIS A 418 37.60 -15.69 -4.03
C HIS A 418 36.98 -15.00 -5.25
N HIS A 419 36.42 -15.80 -6.15
CA HIS A 419 35.76 -15.30 -7.37
C HIS A 419 34.69 -14.25 -7.14
N ILE A 420 33.97 -14.35 -6.04
CA ILE A 420 32.93 -13.39 -5.78
C ILE A 420 33.17 -12.63 -4.49
N LEU A 421 34.36 -12.79 -3.90
CA LEU A 421 34.68 -12.11 -2.64
C LEU A 421 34.57 -10.60 -2.74
N HIS A 422 34.60 -10.06 -3.95
CA HIS A 422 34.49 -8.60 -4.13
C HIS A 422 33.12 -8.08 -3.68
N VAL A 423 32.12 -8.90 -3.93
CA VAL A 423 30.75 -8.58 -3.57
C VAL A 423 30.68 -8.29 -2.07
N ALA A 424 31.35 -9.10 -1.26
CA ALA A 424 31.30 -8.85 0.19
C ALA A 424 32.01 -7.55 0.51
N VAL A 425 33.04 -7.24 -0.27
CA VAL A 425 33.73 -5.99 -0.02
C VAL A 425 32.74 -4.85 -0.25
N ASP A 426 32.06 -4.88 -1.38
CA ASP A 426 31.07 -3.85 -1.74
C ASP A 426 29.96 -3.75 -0.67
N VAL A 427 29.47 -4.89 -0.18
CA VAL A 427 28.41 -4.89 0.81
C VAL A 427 28.79 -4.14 2.06
N ILE A 428 30.02 -4.35 2.52
CA ILE A 428 30.49 -3.66 3.71
C ILE A 428 30.58 -2.19 3.40
N LYS A 429 31.04 -1.87 2.20
CA LYS A 429 31.16 -0.46 1.85
C LYS A 429 29.83 0.25 1.76
N GLU A 430 28.84 -0.40 1.14
CA GLU A 430 27.50 0.16 0.98
C GLU A 430 26.88 0.38 2.35
N SER A 431 27.12 -0.57 3.24
CA SER A 431 26.62 -0.52 4.59
C SER A 431 27.00 0.81 5.17
N ARG A 432 28.23 1.21 4.91
CA ARG A 432 28.75 2.47 5.45
C ARG A 432 28.13 3.72 4.81
N VAL A 433 27.86 3.66 3.51
CA VAL A 433 27.24 4.78 2.81
C VAL A 433 25.85 4.94 3.41
N LEU A 434 25.18 3.81 3.59
CA LEU A 434 23.84 3.72 4.16
C LEU A 434 23.88 4.11 5.62
N ARG A 435 25.09 4.21 6.18
CA ARG A 435 25.27 4.56 7.58
C ARG A 435 24.46 3.71 8.54
N LEU A 436 24.46 2.39 8.31
CA LEU A 436 23.74 1.41 9.14
C LEU A 436 24.20 1.49 10.58
N GLN A 437 23.33 1.20 11.53
CA GLN A 437 23.76 1.26 12.91
C GLN A 437 24.58 -0.01 13.21
N PRO A 438 25.22 -0.06 14.38
CA PRO A 438 26.03 -1.22 14.76
C PRO A 438 25.25 -2.51 14.94
N PHE A 439 25.93 -3.63 14.70
CA PHE A 439 25.37 -4.97 14.82
C PHE A 439 24.68 -5.09 16.15
N ASN A 440 25.38 -4.68 17.22
CA ASN A 440 24.79 -4.86 18.54
C ASN A 440 23.45 -4.16 18.74
N GLU A 441 23.21 -3.09 18.01
CA GLU A 441 21.96 -2.35 18.12
C GLU A 441 20.86 -3.17 17.46
N TYR A 442 21.13 -3.69 16.27
CA TYR A 442 20.17 -4.53 15.59
C TYR A 442 19.85 -5.74 16.49
N ARG A 443 20.85 -6.24 17.22
CA ARG A 443 20.60 -7.38 18.08
C ARG A 443 19.43 -7.04 18.96
N LYS A 444 19.51 -5.87 19.58
CA LYS A 444 18.50 -5.47 20.51
C LYS A 444 17.16 -5.23 19.81
N ARG A 445 17.20 -4.61 18.64
CA ARG A 445 16.00 -4.32 17.88
C ARG A 445 15.21 -5.58 17.68
N PHE A 446 15.91 -6.66 17.39
CA PHE A 446 15.21 -7.89 17.15
C PHE A 446 15.07 -8.76 18.37
N GLY A 447 15.09 -8.10 19.51
CA GLY A 447 14.88 -8.78 20.78
C GLY A 447 15.96 -9.68 21.37
N MET A 448 17.20 -9.42 21.02
CA MET A 448 18.28 -10.23 21.51
C MET A 448 19.17 -9.40 22.40
N LYS A 449 19.98 -10.10 23.21
CA LYS A 449 20.93 -9.47 24.11
C LYS A 449 22.15 -9.14 23.25
N PRO A 450 22.72 -7.93 23.43
CA PRO A 450 23.89 -7.56 22.64
C PRO A 450 25.14 -8.29 23.13
N TYR A 451 26.05 -8.60 22.23
CA TYR A 451 27.27 -9.31 22.59
C TYR A 451 28.16 -8.48 23.52
N THR A 452 28.75 -9.15 24.48
CA THR A 452 29.64 -8.47 25.43
C THR A 452 31.09 -8.49 25.00
N SER A 453 31.48 -9.40 24.09
CA SER A 453 32.87 -9.49 23.61
C SER A 453 32.97 -10.21 22.27
N PHE A 454 34.06 -9.99 21.54
CA PHE A 454 34.17 -10.67 20.26
C PHE A 454 34.21 -12.18 20.40
N GLN A 455 34.80 -12.63 21.50
CA GLN A 455 34.93 -14.06 21.76
C GLN A 455 33.60 -14.78 22.02
N GLU A 456 32.55 -13.99 22.20
CA GLU A 456 31.21 -14.50 22.45
C GLU A 456 30.43 -14.53 21.15
N LEU A 457 30.76 -13.60 20.28
CA LEU A 457 30.16 -13.51 18.98
C LEU A 457 30.71 -14.72 18.26
N THR A 458 32.00 -14.70 17.92
CA THR A 458 32.66 -15.85 17.25
C THR A 458 32.75 -16.84 18.38
N GLY A 459 32.75 -18.13 18.12
CA GLY A 459 32.84 -19.03 19.27
C GLY A 459 34.26 -19.31 19.74
N GLU A 460 35.19 -18.38 19.48
CA GLU A 460 36.58 -18.62 19.78
C GLU A 460 37.43 -17.45 20.27
N LYS A 461 38.76 -17.62 20.14
CA LYS A 461 39.72 -16.61 20.59
C LYS A 461 40.61 -15.97 19.54
N GLU A 462 40.93 -16.72 18.49
CA GLU A 462 41.83 -16.20 17.44
C GLU A 462 41.26 -15.02 16.65
N MET A 463 40.19 -15.26 15.89
CA MET A 463 39.55 -14.20 15.10
C MET A 463 39.05 -13.12 16.03
N ALA A 464 38.42 -13.55 17.13
CA ALA A 464 37.88 -12.61 18.10
C ALA A 464 38.95 -11.58 18.50
N ALA A 465 40.14 -12.06 18.82
CA ALA A 465 41.22 -11.19 19.23
C ALA A 465 41.56 -10.13 18.18
N GLU A 466 41.57 -10.52 16.92
CA GLU A 466 41.91 -9.59 15.86
C GLU A 466 40.76 -8.67 15.50
N LEU A 467 39.53 -9.19 15.53
CA LEU A 467 38.36 -8.36 15.23
C LEU A 467 38.41 -7.27 16.27
N GLU A 468 38.75 -7.66 17.50
CA GLU A 468 38.83 -6.70 18.58
C GLU A 468 39.81 -5.53 18.33
N GLU A 469 41.01 -5.84 17.87
CA GLU A 469 41.97 -4.78 17.64
C GLU A 469 41.64 -3.97 16.41
N LEU A 470 40.76 -4.50 15.57
CA LEU A 470 40.36 -3.80 14.36
C LEU A 470 39.19 -2.87 14.69
N TYR A 471 38.18 -3.41 15.34
CA TYR A 471 37.02 -2.63 15.64
C TYR A 471 37.16 -1.75 16.84
N GLY A 472 37.85 -2.26 17.84
CA GLY A 472 38.05 -1.51 19.06
C GLY A 472 37.01 -1.88 20.09
N ASP A 473 35.75 -1.82 19.66
CA ASP A 473 34.64 -2.14 20.54
C ASP A 473 33.73 -3.14 19.91
N ILE A 474 33.11 -3.97 20.72
CA ILE A 474 32.20 -4.93 20.16
C ILE A 474 31.00 -4.10 19.72
N ASP A 475 30.79 -3.00 20.44
CA ASP A 475 29.70 -2.08 20.18
C ASP A 475 29.94 -1.28 18.92
N ALA A 476 31.02 -1.59 18.21
CA ALA A 476 31.29 -0.93 16.94
C ALA A 476 31.31 -1.98 15.82
N LEU A 477 31.09 -3.25 16.16
CA LEU A 477 31.05 -4.29 15.13
C LEU A 477 29.89 -4.03 14.15
N GLU A 478 30.23 -3.87 12.88
CA GLU A 478 29.25 -3.62 11.83
C GLU A 478 28.24 -4.76 11.59
N PHE A 479 27.11 -4.40 10.99
CA PHE A 479 26.02 -5.35 10.69
C PHE A 479 26.46 -6.59 9.92
N TYR A 480 26.72 -6.47 8.61
CA TYR A 480 27.12 -7.63 7.79
C TYR A 480 28.20 -8.53 8.38
N PRO A 481 29.38 -7.97 8.73
CA PRO A 481 30.42 -8.84 9.30
C PRO A 481 29.84 -9.55 10.52
N GLY A 482 29.17 -8.80 11.39
CA GLY A 482 28.59 -9.39 12.59
C GLY A 482 27.71 -10.58 12.25
N LEU A 483 26.98 -10.49 11.15
CA LEU A 483 26.07 -11.54 10.69
C LEU A 483 26.74 -12.80 10.18
N LEU A 484 27.84 -12.61 9.46
CA LEU A 484 28.59 -13.73 8.91
C LEU A 484 29.73 -14.30 9.77
N LEU A 485 30.15 -13.57 10.78
CA LEU A 485 31.20 -14.03 11.67
C LEU A 485 30.69 -14.63 12.94
N GLU A 486 29.45 -14.32 13.33
CA GLU A 486 28.85 -14.91 14.56
C GLU A 486 28.80 -16.43 14.44
N LYS A 487 28.84 -17.10 15.57
CA LYS A 487 28.84 -18.56 15.66
C LYS A 487 27.55 -19.24 15.26
N CYS A 488 27.76 -20.32 14.52
CA CYS A 488 26.65 -21.09 14.04
C CYS A 488 26.01 -21.89 15.14
N HIS A 489 24.76 -22.24 14.90
CA HIS A 489 24.04 -23.06 15.85
C HIS A 489 24.53 -24.46 15.51
N PRO A 490 24.64 -25.35 16.51
CA PRO A 490 25.10 -26.75 16.44
C PRO A 490 25.55 -27.26 15.08
N ASN A 491 24.61 -27.81 14.31
CA ASN A 491 24.97 -28.28 12.97
C ASN A 491 24.18 -27.47 11.97
N SER A 492 24.17 -26.15 12.17
CA SER A 492 23.42 -25.19 11.34
C SER A 492 24.16 -24.51 10.16
N ILE A 493 23.34 -23.97 9.26
CA ILE A 493 23.83 -23.27 8.08
C ILE A 493 24.30 -21.89 8.50
N PHE A 494 23.68 -21.39 9.57
CA PHE A 494 24.05 -20.11 10.14
C PHE A 494 23.59 -19.96 11.58
N GLY A 495 23.77 -18.76 12.14
CA GLY A 495 23.40 -18.53 13.53
C GLY A 495 22.31 -17.55 13.92
N GLU A 496 22.04 -17.49 15.21
CA GLU A 496 21.00 -16.65 15.80
C GLU A 496 20.57 -15.42 15.02
N SER A 497 21.38 -14.36 15.04
CA SER A 497 21.04 -13.13 14.36
C SER A 497 20.41 -13.30 12.98
N MET A 498 21.03 -14.11 12.13
CA MET A 498 20.54 -14.36 10.78
C MET A 498 19.08 -14.71 10.85
N ILE A 499 18.83 -15.72 11.65
CA ILE A 499 17.52 -16.24 11.92
C ILE A 499 16.59 -15.26 12.64
N GLU A 500 17.03 -14.67 13.76
CA GLU A 500 16.20 -13.73 14.54
C GLU A 500 15.91 -12.36 13.88
N MET A 501 16.60 -12.09 12.77
CA MET A 501 16.43 -10.86 11.98
C MET A 501 15.96 -11.31 10.63
N GLY A 502 16.37 -12.51 10.24
CA GLY A 502 15.99 -13.10 8.97
C GLY A 502 14.53 -13.49 8.81
N ALA A 503 13.98 -14.35 9.68
CA ALA A 503 12.57 -14.77 9.56
C ALA A 503 11.57 -13.61 9.53
N PRO A 504 11.67 -12.65 10.46
CA PRO A 504 10.76 -11.50 10.51
C PRO A 504 10.60 -10.88 9.17
N PHE A 505 11.58 -10.09 8.78
CA PHE A 505 11.51 -9.49 7.48
C PHE A 505 11.01 -10.55 6.50
N SER A 506 11.51 -11.78 6.60
CA SER A 506 11.19 -12.87 5.67
C SER A 506 9.86 -13.61 5.74
N LEU A 507 9.04 -13.31 6.74
CA LEU A 507 7.75 -13.95 6.82
C LEU A 507 6.73 -12.87 6.53
N LYS A 508 6.89 -11.73 7.22
CA LYS A 508 6.04 -10.58 7.02
C LYS A 508 6.02 -10.33 5.52
N GLY A 509 7.18 -10.44 4.89
CA GLY A 509 7.28 -10.23 3.46
C GLY A 509 6.40 -11.14 2.66
N LEU A 510 6.15 -12.34 3.16
CA LEU A 510 5.31 -13.28 2.42
C LEU A 510 3.84 -13.19 2.80
N LEU A 511 3.54 -13.44 4.05
CA LEU A 511 2.15 -13.40 4.46
C LEU A 511 1.52 -12.04 4.19
N GLY A 512 2.35 -11.03 3.94
CA GLY A 512 1.85 -9.69 3.67
C GLY A 512 1.56 -9.33 2.23
N ASN A 513 1.62 -10.32 1.36
CA ASN A 513 1.32 -10.12 -0.04
C ASN A 513 -0.20 -9.96 -0.09
N PRO A 514 -0.75 -9.16 -1.03
CA PRO A 514 -2.20 -9.00 -1.07
C PRO A 514 -2.99 -10.28 -1.29
N ILE A 515 -2.44 -11.26 -2.02
CA ILE A 515 -3.19 -12.50 -2.22
C ILE A 515 -3.45 -13.29 -0.93
N CYS A 516 -2.73 -12.99 0.15
CA CYS A 516 -2.96 -13.72 1.39
C CYS A 516 -4.06 -13.13 2.23
N SER A 517 -4.57 -11.99 1.77
CA SER A 517 -5.66 -11.32 2.47
C SER A 517 -6.98 -12.06 2.27
N PRO A 518 -7.91 -11.92 3.22
CA PRO A 518 -9.20 -12.57 3.13
C PRO A 518 -9.89 -12.10 1.85
N GLU A 519 -9.64 -10.86 1.46
CA GLU A 519 -10.24 -10.30 0.25
C GLU A 519 -9.88 -11.03 -1.03
N TYR A 520 -8.65 -11.51 -1.13
CA TYR A 520 -8.20 -12.20 -2.32
C TYR A 520 -8.15 -13.70 -2.20
N TRP A 521 -8.02 -14.24 -0.99
CA TRP A 521 -7.90 -15.68 -0.81
C TRP A 521 -9.24 -16.33 -0.99
N LYS A 522 -9.62 -16.47 -2.25
CA LYS A 522 -10.90 -17.03 -2.66
C LYS A 522 -10.64 -17.83 -3.89
N ALA A 523 -11.36 -18.94 -4.04
CA ALA A 523 -11.17 -19.76 -5.21
C ALA A 523 -11.40 -18.99 -6.49
N SER A 524 -12.26 -17.97 -6.47
CA SER A 524 -12.53 -17.25 -7.71
C SER A 524 -11.35 -16.41 -8.22
N THR A 525 -10.48 -16.01 -7.28
CA THR A 525 -9.30 -15.20 -7.59
C THR A 525 -8.37 -15.95 -8.48
N PHE A 526 -8.40 -17.27 -8.36
CA PHE A 526 -7.55 -18.15 -9.14
C PHE A 526 -8.25 -18.86 -10.28
N GLY A 527 -9.44 -18.38 -10.66
CA GLY A 527 -10.17 -19.00 -11.76
C GLY A 527 -10.96 -20.23 -11.39
N GLY A 528 -11.12 -20.47 -10.09
CA GLY A 528 -11.88 -21.63 -9.64
C GLY A 528 -11.04 -22.60 -8.84
N GLU A 529 -11.65 -23.70 -8.40
CA GLU A 529 -10.98 -24.74 -7.60
C GLU A 529 -9.64 -25.21 -8.19
N VAL A 530 -9.58 -25.37 -9.51
CA VAL A 530 -8.35 -25.81 -10.18
C VAL A 530 -7.16 -24.89 -9.93
N GLY A 531 -7.27 -23.61 -10.24
CA GLY A 531 -6.17 -22.72 -9.97
C GLY A 531 -5.91 -22.75 -8.47
N PHE A 532 -6.98 -22.69 -7.69
CA PHE A 532 -6.82 -22.66 -6.25
C PHE A 532 -6.05 -23.83 -5.73
N ASN A 533 -6.30 -25.03 -6.23
CA ASN A 533 -5.56 -26.18 -5.72
C ASN A 533 -4.13 -26.15 -6.18
N LEU A 534 -3.90 -25.69 -7.42
CA LEU A 534 -2.57 -25.55 -7.97
C LEU A 534 -1.82 -24.81 -6.87
N VAL A 535 -2.39 -23.70 -6.41
CA VAL A 535 -1.73 -22.97 -5.35
C VAL A 535 -1.63 -23.84 -4.13
N LYS A 536 -2.76 -24.29 -3.62
CA LYS A 536 -2.78 -25.09 -2.42
C LYS A 536 -1.89 -26.30 -2.35
N THR A 537 -1.49 -26.86 -3.49
CA THR A 537 -0.66 -28.04 -3.45
C THR A 537 0.68 -27.94 -4.17
N ALA A 538 1.08 -26.72 -4.51
CA ALA A 538 2.35 -26.48 -5.21
C ALA A 538 3.44 -27.24 -4.52
N THR A 539 4.44 -27.63 -5.31
CA THR A 539 5.56 -28.41 -4.78
C THR A 539 6.77 -28.39 -5.67
N LEU A 540 7.97 -28.35 -5.09
CA LEU A 540 9.19 -28.32 -5.90
C LEU A 540 9.24 -29.40 -6.96
N LYS A 541 8.98 -30.65 -6.57
CA LYS A 541 8.98 -31.76 -7.52
C LYS A 541 7.95 -31.57 -8.65
N LYS A 542 6.73 -31.16 -8.31
CA LYS A 542 5.67 -30.94 -9.30
C LYS A 542 6.08 -29.83 -10.25
N LEU A 543 6.67 -28.79 -9.67
CA LEU A 543 7.11 -27.63 -10.41
C LEU A 543 8.09 -28.05 -11.48
N VAL A 544 9.07 -28.88 -11.13
CA VAL A 544 10.04 -29.30 -12.13
C VAL A 544 9.48 -30.37 -13.03
N CYS A 545 9.07 -31.46 -12.40
CA CYS A 545 8.60 -32.61 -13.12
C CYS A 545 7.43 -32.50 -14.05
N LEU A 546 6.45 -31.67 -13.72
CA LEU A 546 5.30 -31.50 -14.61
C LEU A 546 5.71 -30.67 -15.81
N ASN A 547 6.97 -30.22 -15.83
CA ASN A 547 7.48 -29.41 -16.90
C ASN A 547 8.74 -29.98 -17.56
N THR A 548 8.99 -31.28 -17.35
CA THR A 548 10.16 -31.96 -17.93
C THR A 548 9.86 -33.40 -18.40
N LYS A 549 10.47 -33.82 -19.52
CA LYS A 549 10.28 -35.16 -20.13
C LYS A 549 10.51 -36.30 -19.16
N THR A 550 11.46 -36.13 -18.27
CA THR A 550 11.78 -37.13 -17.28
C THR A 550 11.87 -36.35 -15.97
N CYS A 551 11.76 -37.04 -14.84
CA CYS A 551 11.80 -36.38 -13.54
C CYS A 551 13.02 -36.81 -12.76
N PRO A 552 14.03 -35.93 -12.69
CA PRO A 552 15.29 -36.16 -11.98
C PRO A 552 15.16 -36.04 -10.48
N TYR A 553 16.26 -36.31 -9.79
CA TYR A 553 16.30 -36.19 -8.35
C TYR A 553 16.12 -34.70 -8.21
N VAL A 554 15.09 -34.28 -7.49
CA VAL A 554 14.88 -32.86 -7.36
C VAL A 554 14.56 -32.54 -5.92
N SER A 555 15.44 -31.78 -5.27
CA SER A 555 15.26 -31.44 -3.86
C SER A 555 16.08 -30.24 -3.38
N PHE A 556 15.76 -29.72 -2.20
CA PHE A 556 16.53 -28.61 -1.64
C PHE A 556 17.58 -29.22 -0.72
N HIS A 557 17.47 -30.54 -0.55
CA HIS A 557 18.36 -31.35 0.26
C HIS A 557 19.15 -32.22 -0.69
N VAL A 558 20.42 -32.36 -0.37
CA VAL A 558 21.35 -33.18 -1.11
C VAL A 558 20.88 -34.60 -0.86
N PRO A 559 21.01 -35.50 -1.84
CA PRO A 559 20.53 -36.85 -1.54
C PRO A 559 21.21 -37.45 -0.30
N VAL B 9 -26.41 -16.02 -23.73
CA VAL B 9 -26.16 -14.66 -23.17
C VAL B 9 -25.32 -14.87 -21.92
N ASN B 10 -24.42 -13.93 -21.67
CA ASN B 10 -23.55 -13.99 -20.53
C ASN B 10 -24.40 -14.11 -19.26
N PRO B 11 -24.36 -15.28 -18.62
CA PRO B 11 -25.13 -15.54 -17.41
C PRO B 11 -24.87 -14.51 -16.33
N CYS B 12 -23.68 -13.94 -16.36
CA CYS B 12 -23.37 -12.97 -15.36
C CYS B 12 -24.14 -11.66 -15.61
N CYS B 13 -24.70 -11.48 -16.80
CA CYS B 13 -25.46 -10.28 -17.02
C CYS B 13 -26.69 -10.33 -16.09
N TYR B 14 -27.09 -11.52 -15.68
CA TYR B 14 -28.24 -11.60 -14.78
C TYR B 14 -27.89 -11.24 -13.33
N TYR B 15 -26.62 -10.89 -13.12
CA TYR B 15 -26.13 -10.57 -11.79
C TYR B 15 -26.60 -11.72 -10.89
N PRO B 16 -26.34 -12.97 -11.29
CA PRO B 16 -26.83 -14.06 -10.43
C PRO B 16 -26.42 -14.12 -8.96
N CYS B 17 -25.14 -13.92 -8.65
CA CYS B 17 -24.61 -14.03 -7.28
C CYS B 17 -24.91 -12.90 -6.30
N GLN B 18 -25.65 -13.25 -5.25
CA GLN B 18 -26.01 -12.32 -4.20
C GLN B 18 -24.93 -12.15 -3.16
N HIS B 19 -25.16 -11.20 -2.27
CA HIS B 19 -24.29 -10.90 -1.15
C HIS B 19 -22.78 -10.90 -1.35
N GLN B 20 -22.37 -10.27 -2.44
CA GLN B 20 -20.96 -10.13 -2.77
C GLN B 20 -20.30 -11.39 -3.30
N GLY B 21 -21.09 -12.41 -3.61
CA GLY B 21 -20.51 -13.62 -4.15
C GLY B 21 -19.94 -13.25 -5.52
N ILE B 22 -18.91 -13.95 -6.00
CA ILE B 22 -18.34 -13.57 -7.29
C ILE B 22 -18.78 -14.43 -8.46
N CYS B 23 -19.32 -13.79 -9.50
CA CYS B 23 -19.79 -14.51 -10.67
C CYS B 23 -18.64 -14.89 -11.59
N VAL B 24 -18.18 -16.13 -11.51
CA VAL B 24 -17.13 -16.57 -12.41
C VAL B 24 -17.79 -17.36 -13.52
N ARG B 25 -17.36 -17.10 -14.73
CA ARG B 25 -17.88 -17.80 -15.88
C ARG B 25 -17.16 -19.16 -16.04
N PHE B 26 -17.82 -20.13 -16.64
CA PHE B 26 -17.26 -21.45 -16.90
C PHE B 26 -17.85 -22.00 -18.17
N GLY B 27 -17.02 -22.68 -18.95
CA GLY B 27 -17.51 -23.20 -20.21
C GLY B 27 -18.06 -22.07 -21.05
N LEU B 28 -18.91 -22.43 -22.01
CA LEU B 28 -19.50 -21.44 -22.89
C LEU B 28 -20.78 -20.84 -22.35
N ASP B 29 -21.51 -21.64 -21.58
CA ASP B 29 -22.81 -21.25 -21.04
C ASP B 29 -22.98 -21.34 -19.52
N ARG B 30 -22.00 -21.85 -18.80
CA ARG B 30 -22.12 -21.97 -17.34
C ARG B 30 -21.56 -20.74 -16.61
N TYR B 31 -21.72 -20.77 -15.29
CA TYR B 31 -21.23 -19.74 -14.40
C TYR B 31 -21.23 -20.32 -12.99
N GLN B 32 -20.41 -19.77 -12.10
CA GLN B 32 -20.35 -20.21 -10.73
C GLN B 32 -20.16 -18.99 -9.83
N CYS B 33 -20.87 -18.97 -8.71
CA CYS B 33 -20.78 -17.88 -7.75
C CYS B 33 -19.79 -18.24 -6.68
N ASP B 34 -18.83 -17.36 -6.42
CA ASP B 34 -17.91 -17.66 -5.36
C ASP B 34 -18.47 -16.96 -4.14
N CYS B 35 -19.08 -17.72 -3.24
CA CYS B 35 -19.67 -17.10 -2.05
C CYS B 35 -18.72 -17.11 -0.86
N THR B 36 -17.42 -17.19 -1.13
CA THR B 36 -16.49 -17.32 -0.02
C THR B 36 -16.62 -16.23 1.01
N ARG B 37 -16.86 -16.63 2.24
CA ARG B 37 -16.99 -15.68 3.33
C ARG B 37 -18.05 -14.61 3.10
N THR B 38 -19.16 -14.98 2.49
CA THR B 38 -20.21 -14.01 2.25
C THR B 38 -21.29 -14.15 3.31
N GLY B 39 -21.30 -15.27 4.02
CA GLY B 39 -22.34 -15.46 5.02
C GLY B 39 -23.51 -16.21 4.41
N TYR B 40 -23.38 -16.62 3.14
CA TYR B 40 -24.43 -17.36 2.45
C TYR B 40 -23.86 -18.51 1.67
N SER B 41 -24.72 -19.48 1.40
CA SER B 41 -24.36 -20.67 0.64
C SER B 41 -25.37 -20.78 -0.48
N GLY B 42 -25.20 -21.77 -1.32
CA GLY B 42 -26.12 -21.94 -2.42
C GLY B 42 -25.52 -21.47 -3.72
N PRO B 43 -26.10 -21.87 -4.87
CA PRO B 43 -25.65 -21.52 -6.22
C PRO B 43 -25.56 -20.03 -6.46
N ASN B 44 -26.34 -19.24 -5.72
CA ASN B 44 -26.34 -17.78 -5.88
C ASN B 44 -26.01 -17.01 -4.60
N CYS B 45 -25.47 -17.70 -3.61
CA CYS B 45 -25.10 -17.09 -2.33
C CYS B 45 -26.33 -16.44 -1.74
N THR B 46 -27.36 -17.24 -1.56
CA THR B 46 -28.64 -16.79 -1.04
C THR B 46 -29.14 -17.41 0.24
N ILE B 47 -28.58 -18.56 0.62
CA ILE B 47 -28.97 -19.26 1.83
C ILE B 47 -28.04 -18.80 2.92
N PRO B 48 -28.55 -18.05 3.88
CA PRO B 48 -27.75 -17.53 4.98
C PRO B 48 -27.38 -18.57 6.04
N GLU B 49 -26.48 -18.17 6.95
CA GLU B 49 -26.02 -18.96 8.08
C GLU B 49 -26.88 -18.42 9.22
N ILE B 50 -27.14 -19.25 10.23
CA ILE B 50 -27.99 -18.82 11.33
C ILE B 50 -27.66 -17.44 11.87
N TRP B 51 -26.37 -17.14 12.00
CA TRP B 51 -25.96 -15.85 12.53
C TRP B 51 -26.26 -14.73 11.52
N THR B 52 -25.86 -14.94 10.28
CA THR B 52 -26.10 -13.98 9.22
C THR B 52 -27.58 -13.66 9.21
N TRP B 53 -28.38 -14.70 9.36
CA TRP B 53 -29.82 -14.54 9.37
C TRP B 53 -30.24 -13.58 10.47
N LEU B 54 -29.81 -13.85 11.70
CA LEU B 54 -30.17 -12.98 12.81
C LEU B 54 -29.68 -11.56 12.54
N ARG B 55 -28.37 -11.45 12.33
CA ARG B 55 -27.70 -10.17 12.09
C ARG B 55 -28.49 -9.26 11.16
N THR B 56 -29.06 -9.84 10.12
CA THR B 56 -29.82 -9.03 9.19
C THR B 56 -31.29 -8.88 9.58
N THR B 57 -31.95 -9.95 10.00
CA THR B 57 -33.37 -9.83 10.38
C THR B 57 -33.54 -8.85 11.53
N LEU B 58 -32.46 -8.53 12.22
CA LEU B 58 -32.51 -7.56 13.31
C LEU B 58 -31.90 -6.18 12.97
N ARG B 59 -31.47 -5.96 11.73
CA ARG B 59 -30.88 -4.67 11.38
C ARG B 59 -31.95 -3.63 11.11
N PRO B 60 -32.08 -2.63 12.01
CA PRO B 60 -33.07 -1.58 11.84
C PRO B 60 -32.67 -0.78 10.62
N SER B 61 -33.65 -0.30 9.88
CA SER B 61 -33.34 0.47 8.70
C SER B 61 -32.44 1.64 8.96
N PRO B 62 -31.69 2.05 7.92
CA PRO B 62 -30.72 3.15 7.84
C PRO B 62 -31.51 4.41 7.98
N SER B 63 -32.81 4.20 7.78
CA SER B 63 -33.83 5.20 7.90
C SER B 63 -34.15 5.30 9.40
N PHE B 64 -34.34 4.15 10.05
CA PHE B 64 -34.67 4.14 11.45
C PHE B 64 -33.57 4.79 12.21
N ILE B 65 -32.36 4.46 11.80
CA ILE B 65 -31.26 5.00 12.51
C ILE B 65 -31.08 6.47 12.29
N HIS B 66 -31.12 6.91 11.04
CA HIS B 66 -30.96 8.34 10.73
C HIS B 66 -32.00 9.17 11.49
N PHE B 67 -33.02 8.51 12.01
CA PHE B 67 -34.07 9.16 12.76
C PHE B 67 -33.52 9.44 14.14
N LEU B 68 -33.11 8.37 14.77
CA LEU B 68 -32.57 8.44 16.08
C LEU B 68 -31.42 9.46 16.18
N LEU B 69 -30.39 9.33 15.33
CA LEU B 69 -29.23 10.23 15.37
C LEU B 69 -29.50 11.68 15.18
N THR B 70 -30.69 11.97 14.70
CA THR B 70 -31.09 13.33 14.46
C THR B 70 -32.18 13.72 15.43
N HIS B 71 -32.33 12.93 16.49
CA HIS B 71 -33.38 13.23 17.44
C HIS B 71 -32.96 13.04 18.89
N GLY B 72 -33.69 13.70 19.80
CA GLY B 72 -33.41 13.53 21.21
C GLY B 72 -32.21 14.28 21.71
N ARG B 73 -31.97 15.48 21.17
CA ARG B 73 -30.81 16.30 21.55
C ARG B 73 -30.40 16.11 23.01
N TRP B 74 -31.40 16.06 23.88
CA TRP B 74 -31.16 15.88 25.32
C TRP B 74 -30.54 14.57 25.65
N LEU B 75 -31.08 13.49 25.10
CA LEU B 75 -30.56 12.18 25.36
C LEU B 75 -29.13 12.10 24.80
N TRP B 76 -28.93 12.68 23.62
CA TRP B 76 -27.61 12.66 23.01
C TRP B 76 -26.60 13.39 23.83
N ASP B 77 -26.97 14.57 24.33
CA ASP B 77 -26.08 15.37 25.16
C ASP B 77 -25.42 14.57 26.26
N PHE B 78 -26.22 13.73 26.91
CA PHE B 78 -25.73 12.85 27.96
C PHE B 78 -24.75 11.83 27.38
N VAL B 79 -25.23 11.04 26.43
CA VAL B 79 -24.42 10.03 25.76
C VAL B 79 -23.12 10.70 25.36
N ASN B 80 -23.20 11.79 24.63
CA ASN B 80 -22.00 12.54 24.24
C ASN B 80 -21.02 12.78 25.38
N ALA B 81 -21.52 12.80 26.61
CA ALA B 81 -20.64 13.08 27.72
C ALA B 81 -20.17 11.82 28.45
N THR B 82 -20.78 10.71 28.08
CA THR B 82 -20.46 9.44 28.66
C THR B 82 -19.37 8.87 27.82
N PHE B 83 -18.92 7.68 28.18
CA PHE B 83 -17.88 7.02 27.42
C PHE B 83 -18.49 6.52 26.11
N ILE B 84 -19.79 6.32 26.13
CA ILE B 84 -20.46 5.83 24.95
C ILE B 84 -20.12 6.58 23.61
N ARG B 85 -19.72 7.88 23.65
CA ARG B 85 -19.37 8.67 22.43
C ARG B 85 -18.28 7.98 21.66
N ASP B 86 -17.41 7.31 22.39
CA ASP B 86 -16.34 6.57 21.76
C ASP B 86 -16.91 5.26 21.25
N THR B 87 -17.59 4.57 22.12
CA THR B 87 -18.14 3.30 21.77
C THR B 87 -18.95 3.29 20.48
N LEU B 88 -19.88 4.22 20.35
CA LEU B 88 -20.66 4.27 19.14
C LEU B 88 -19.70 4.48 18.00
N MET B 89 -19.06 5.65 18.00
CA MET B 89 -18.13 6.04 16.94
C MET B 89 -17.31 4.89 16.44
N ARG B 90 -16.74 4.12 17.36
CA ARG B 90 -15.94 2.98 16.99
C ARG B 90 -16.75 2.07 16.09
N LEU B 91 -17.92 1.69 16.59
CA LEU B 91 -18.82 0.81 15.87
C LEU B 91 -19.05 1.34 14.48
N VAL B 92 -19.28 2.65 14.39
CA VAL B 92 -19.51 3.28 13.11
C VAL B 92 -18.27 3.07 12.25
N LEU B 93 -17.12 3.39 12.82
CA LEU B 93 -15.90 3.25 12.08
C LEU B 93 -15.76 1.82 11.56
N THR B 94 -15.72 0.83 12.44
CA THR B 94 -15.55 -0.54 12.00
C THR B 94 -16.53 -0.96 10.95
N VAL B 95 -17.79 -0.89 11.34
CA VAL B 95 -18.88 -1.29 10.51
C VAL B 95 -18.94 -0.62 9.18
N ARG B 96 -18.94 0.70 9.20
CA ARG B 96 -19.00 1.48 7.99
C ARG B 96 -17.92 1.00 7.00
N SER B 97 -16.69 0.90 7.50
CA SER B 97 -15.55 0.48 6.69
C SER B 97 -15.60 -0.87 6.03
N ASN B 98 -16.14 -1.84 6.73
CA ASN B 98 -16.24 -3.18 6.19
C ASN B 98 -16.83 -3.22 4.79
N LEU B 99 -17.68 -2.25 4.49
CA LEU B 99 -18.33 -2.17 3.20
C LEU B 99 -17.37 -1.97 2.05
N ILE B 100 -16.16 -1.51 2.35
CA ILE B 100 -15.14 -1.21 1.35
C ILE B 100 -13.98 -2.21 1.42
N PRO B 101 -13.67 -2.90 0.31
CA PRO B 101 -12.59 -3.88 0.20
C PRO B 101 -11.14 -3.38 0.20
N SER B 102 -10.27 -4.12 0.87
CA SER B 102 -8.87 -3.77 0.93
C SER B 102 -8.15 -5.02 1.23
N PRO B 103 -7.14 -5.33 0.47
CA PRO B 103 -6.72 -4.49 -0.66
C PRO B 103 -7.82 -4.39 -1.72
N PRO B 104 -7.74 -3.35 -2.57
CA PRO B 104 -8.67 -3.04 -3.65
C PRO B 104 -8.85 -4.21 -4.58
N THR B 105 -9.95 -4.22 -5.33
CA THR B 105 -10.22 -5.33 -6.23
C THR B 105 -10.18 -5.06 -7.74
N TYR B 106 -11.26 -4.57 -8.34
CA TYR B 106 -11.30 -4.31 -9.79
C TYR B 106 -10.96 -2.89 -10.27
N ASN B 107 -10.77 -2.75 -11.58
CA ASN B 107 -10.49 -1.42 -12.15
C ASN B 107 -11.12 -1.33 -13.55
N ILE B 108 -11.03 -0.17 -14.20
CA ILE B 108 -11.64 -0.05 -15.54
C ILE B 108 -11.24 -1.19 -16.47
N ALA B 109 -10.00 -1.68 -16.30
CA ALA B 109 -9.46 -2.75 -17.14
C ALA B 109 -9.69 -4.18 -16.65
N HIS B 110 -9.91 -4.39 -15.36
CA HIS B 110 -10.06 -5.75 -14.86
C HIS B 110 -11.23 -5.97 -13.96
N ASP B 111 -12.17 -6.79 -14.43
CA ASP B 111 -13.31 -7.13 -13.61
C ASP B 111 -13.00 -8.42 -12.91
N TYR B 112 -11.78 -8.49 -12.42
CA TYR B 112 -11.28 -9.62 -11.67
C TYR B 112 -10.08 -9.13 -10.86
N ILE B 113 -9.72 -9.86 -9.79
CA ILE B 113 -8.57 -9.49 -8.96
C ILE B 113 -7.32 -9.72 -9.84
N SER B 114 -6.29 -8.92 -9.65
CA SER B 114 -5.12 -9.13 -10.49
C SER B 114 -3.96 -8.32 -9.96
N TRP B 115 -2.74 -8.83 -10.16
CA TRP B 115 -1.60 -8.11 -9.65
C TRP B 115 -1.56 -6.71 -10.19
N GLU B 116 -1.86 -6.54 -11.48
CA GLU B 116 -1.82 -5.21 -12.11
C GLU B 116 -2.81 -4.25 -11.51
N SER B 117 -3.96 -4.77 -11.13
CA SER B 117 -4.98 -3.90 -10.56
C SER B 117 -4.45 -3.42 -9.21
N PHE B 118 -3.96 -4.39 -8.45
CA PHE B 118 -3.43 -4.13 -7.13
C PHE B 118 -2.21 -3.24 -7.13
N SER B 119 -1.44 -3.29 -8.20
CA SER B 119 -0.27 -2.48 -8.19
C SER B 119 -0.27 -1.25 -9.07
N ASN B 120 -1.05 -1.23 -10.17
CA ASN B 120 -1.05 -0.04 -11.01
C ASN B 120 -1.93 1.00 -10.39
N VAL B 121 -1.34 1.92 -9.69
CA VAL B 121 -2.04 2.94 -8.97
C VAL B 121 -2.64 4.11 -9.81
N SER B 122 -2.48 4.04 -11.14
CA SER B 122 -3.05 5.07 -11.99
C SER B 122 -4.54 4.85 -12.18
N TYR B 123 -5.01 3.66 -11.88
CA TYR B 123 -6.43 3.36 -12.01
C TYR B 123 -7.23 3.72 -10.73
N TYR B 124 -8.51 4.11 -10.90
CA TYR B 124 -9.40 4.35 -9.78
C TYR B 124 -9.86 2.92 -9.68
N THR B 125 -10.25 2.49 -8.50
CA THR B 125 -10.69 1.12 -8.35
C THR B 125 -12.20 1.24 -8.50
N ARG B 126 -12.94 0.13 -8.33
CA ARG B 126 -14.41 0.12 -8.40
C ARG B 126 -14.84 -1.05 -7.54
N ILE B 127 -15.99 -0.91 -6.88
CA ILE B 127 -16.54 -1.91 -5.96
C ILE B 127 -17.25 -3.05 -6.67
N LEU B 128 -17.95 -2.72 -7.73
CA LEU B 128 -18.65 -3.74 -8.49
C LEU B 128 -18.08 -3.74 -9.89
N PRO B 129 -17.89 -4.92 -10.48
CA PRO B 129 -17.35 -5.02 -11.83
C PRO B 129 -18.30 -4.38 -12.80
N SER B 130 -17.83 -4.13 -14.02
CA SER B 130 -18.68 -3.49 -15.00
C SER B 130 -19.79 -4.40 -15.54
N VAL B 131 -20.70 -3.78 -16.28
CA VAL B 131 -21.77 -4.52 -16.91
C VAL B 131 -21.05 -5.12 -18.11
N PRO B 132 -20.92 -6.44 -18.14
CA PRO B 132 -20.25 -7.18 -19.21
C PRO B 132 -20.62 -6.55 -20.55
N ARG B 133 -19.63 -6.35 -21.42
CA ARG B 133 -19.87 -5.73 -22.73
C ARG B 133 -20.74 -6.53 -23.71
N ASP B 134 -21.07 -7.76 -23.31
CA ASP B 134 -21.87 -8.68 -24.12
C ASP B 134 -23.28 -8.96 -23.59
N CYS B 135 -23.83 -8.01 -22.85
CA CYS B 135 -25.17 -8.17 -22.31
C CYS B 135 -26.21 -7.57 -23.25
N PRO B 136 -27.44 -8.07 -23.19
CA PRO B 136 -28.54 -7.59 -24.05
C PRO B 136 -28.70 -6.06 -24.01
N THR B 137 -28.85 -5.51 -22.81
CA THR B 137 -29.03 -4.08 -22.65
C THR B 137 -27.85 -3.50 -21.91
N PRO B 138 -27.62 -2.19 -22.02
CA PRO B 138 -26.54 -1.45 -21.38
C PRO B 138 -26.40 -1.70 -19.88
N MET B 139 -27.51 -2.00 -19.23
CA MET B 139 -27.50 -2.25 -17.80
C MET B 139 -27.57 -3.72 -17.47
N GLY B 140 -27.35 -4.56 -18.47
CA GLY B 140 -27.37 -5.99 -18.24
C GLY B 140 -28.52 -6.70 -18.94
N THR B 141 -29.54 -7.01 -18.16
CA THR B 141 -30.70 -7.68 -18.69
C THR B 141 -31.99 -6.85 -18.84
N LYS B 142 -32.13 -5.79 -18.05
CA LYS B 142 -33.34 -4.97 -18.07
C LYS B 142 -33.23 -3.59 -18.68
N GLY B 143 -34.38 -2.92 -18.84
CA GLY B 143 -34.36 -1.59 -19.42
C GLY B 143 -34.31 -1.62 -20.94
N LYS B 144 -34.13 -0.47 -21.56
CA LYS B 144 -34.09 -0.41 -23.02
C LYS B 144 -32.69 -0.61 -23.56
N LYS B 145 -32.60 -0.88 -24.86
CA LYS B 145 -31.32 -1.09 -25.55
C LYS B 145 -30.58 0.21 -25.73
N GLN B 146 -31.30 1.30 -25.52
CA GLN B 146 -30.77 2.65 -25.65
C GLN B 146 -31.07 3.32 -24.31
N LEU B 147 -30.15 4.09 -23.80
CA LEU B 147 -30.34 4.75 -22.53
C LEU B 147 -30.75 6.21 -22.72
N PRO B 148 -31.49 6.79 -21.76
CA PRO B 148 -31.92 8.18 -21.88
C PRO B 148 -30.80 9.15 -22.29
N ASP B 149 -31.10 10.06 -23.21
CA ASP B 149 -30.12 11.05 -23.64
C ASP B 149 -29.65 11.84 -22.39
N ALA B 150 -28.36 11.76 -22.09
CA ALA B 150 -27.77 12.44 -20.94
C ALA B 150 -28.20 13.87 -20.85
N GLU B 151 -28.03 14.60 -21.93
CA GLU B 151 -28.39 16.02 -22.03
C GLU B 151 -29.84 16.31 -21.53
N PHE B 152 -30.79 15.58 -22.11
CA PHE B 152 -32.22 15.68 -21.85
C PHE B 152 -32.58 15.34 -20.42
N LEU B 153 -32.03 14.22 -19.98
CA LEU B 153 -32.24 13.72 -18.65
C LEU B 153 -31.76 14.84 -17.72
N SER B 154 -30.66 15.47 -18.10
CA SER B 154 -30.11 16.53 -17.28
C SER B 154 -31.00 17.76 -17.21
N ARG B 155 -31.55 18.20 -18.34
CA ARG B 155 -32.44 19.39 -18.37
C ARG B 155 -33.82 19.17 -17.73
N ARG B 156 -34.33 17.94 -17.84
CA ARG B 156 -35.62 17.55 -17.30
C ARG B 156 -35.63 17.36 -15.80
N PHE B 157 -34.63 16.67 -15.24
CA PHE B 157 -34.64 16.42 -13.81
C PHE B 157 -33.56 17.01 -12.91
N LEU B 158 -32.54 17.66 -13.48
CA LEU B 158 -31.45 18.21 -12.66
C LEU B 158 -31.33 19.69 -12.81
N LEU B 159 -31.82 20.23 -13.91
CA LEU B 159 -31.75 21.67 -14.13
C LEU B 159 -32.48 22.44 -13.02
N ARG B 160 -31.75 23.32 -12.35
CA ARG B 160 -32.31 24.10 -11.28
C ARG B 160 -33.33 25.06 -11.86
N ARG B 161 -34.57 24.93 -11.40
CA ARG B 161 -35.61 25.82 -11.85
C ARG B 161 -35.71 26.93 -10.82
N LYS B 162 -35.90 26.55 -9.56
CA LYS B 162 -36.00 27.50 -8.46
C LYS B 162 -35.00 26.99 -7.45
N PHE B 163 -34.13 27.88 -6.97
CA PHE B 163 -33.11 27.53 -5.99
C PHE B 163 -33.67 26.94 -4.71
N ILE B 164 -33.27 25.71 -4.38
CA ILE B 164 -33.73 25.08 -3.17
C ILE B 164 -32.55 25.11 -2.23
N PRO B 165 -32.57 25.98 -1.22
CA PRO B 165 -31.43 26.01 -0.32
C PRO B 165 -31.44 24.78 0.57
N ASP B 166 -30.25 24.36 1.02
CA ASP B 166 -30.15 23.19 1.90
C ASP B 166 -30.77 23.48 3.24
N PRO B 167 -31.74 22.64 3.66
CA PRO B 167 -32.42 22.78 4.93
C PRO B 167 -31.50 22.68 6.12
N GLN B 168 -30.37 21.98 5.99
CA GLN B 168 -29.46 21.81 7.11
C GLN B 168 -28.69 23.06 7.52
N GLY B 169 -28.58 24.02 6.60
CA GLY B 169 -27.90 25.25 6.94
C GLY B 169 -26.55 25.41 6.32
N THR B 170 -26.10 24.39 5.61
CA THR B 170 -24.82 24.39 4.95
C THR B 170 -24.65 25.71 4.15
N ASN B 171 -23.44 26.28 4.21
CA ASN B 171 -23.09 27.52 3.51
C ASN B 171 -22.02 27.28 2.44
N LEU B 172 -21.62 28.32 1.71
CA LEU B 172 -20.61 28.13 0.69
C LEU B 172 -19.25 27.84 1.26
N MET B 173 -19.05 28.14 2.53
CA MET B 173 -17.77 27.89 3.15
C MET B 173 -17.53 26.39 3.13
N PHE B 174 -18.57 25.65 3.44
CA PHE B 174 -18.55 24.19 3.45
C PHE B 174 -18.41 23.72 2.02
N ALA B 175 -19.22 24.30 1.14
CA ALA B 175 -19.22 23.95 -0.28
C ALA B 175 -17.82 24.04 -0.81
N PHE B 176 -17.22 25.22 -0.70
CA PHE B 176 -15.84 25.32 -1.20
C PHE B 176 -14.88 24.41 -0.45
N PHE B 177 -15.14 24.17 0.83
CA PHE B 177 -14.27 23.29 1.52
C PHE B 177 -14.34 21.92 0.86
N ALA B 178 -15.55 21.44 0.63
CA ALA B 178 -15.74 20.14 0.01
C ALA B 178 -15.05 20.07 -1.33
N GLN B 179 -15.18 21.14 -2.08
CA GLN B 179 -14.61 21.18 -3.41
C GLN B 179 -13.12 21.08 -3.34
N HIS B 180 -12.51 21.85 -2.46
CA HIS B 180 -11.05 21.84 -2.31
C HIS B 180 -10.53 20.47 -1.97
N PHE B 181 -10.94 19.99 -0.81
CA PHE B 181 -10.56 18.69 -0.22
C PHE B 181 -10.72 17.49 -1.17
N THR B 182 -11.81 17.46 -1.92
CA THR B 182 -12.06 16.36 -2.82
C THR B 182 -11.13 16.33 -4.00
N HIS B 183 -10.71 17.51 -4.46
CA HIS B 183 -9.83 17.57 -5.62
C HIS B 183 -8.38 17.29 -5.36
N GLN B 184 -8.10 16.64 -4.22
CA GLN B 184 -6.75 16.22 -3.80
C GLN B 184 -6.76 14.69 -3.97
N PHE B 185 -7.95 14.09 -4.05
CA PHE B 185 -8.08 12.67 -4.30
C PHE B 185 -9.01 12.29 -5.45
N PHE B 186 -9.44 13.30 -6.19
CA PHE B 186 -10.25 13.14 -7.38
C PHE B 186 -9.47 13.98 -8.39
N LYS B 187 -8.88 13.33 -9.38
CA LYS B 187 -8.06 14.10 -10.30
C LYS B 187 -7.90 13.26 -11.57
N THR B 188 -8.99 13.11 -12.29
CA THR B 188 -8.97 12.29 -13.48
C THR B 188 -8.01 12.71 -14.60
N SER B 189 -7.18 11.77 -15.05
CA SER B 189 -6.22 12.01 -16.13
C SER B 189 -6.91 12.18 -17.46
N GLY B 190 -7.12 13.41 -17.86
CA GLY B 190 -7.79 13.66 -19.13
C GLY B 190 -7.04 13.06 -20.29
N LYS B 191 -5.73 12.92 -20.12
CA LYS B 191 -4.85 12.35 -21.16
C LYS B 191 -5.02 10.83 -21.28
N MET B 192 -5.32 10.18 -20.17
CA MET B 192 -5.49 8.74 -20.15
C MET B 192 -6.92 8.28 -20.34
N GLY B 193 -7.87 9.14 -20.02
CA GLY B 193 -9.26 8.76 -20.18
C GLY B 193 -9.91 8.53 -18.84
N PRO B 194 -11.20 8.19 -18.84
CA PRO B 194 -11.85 7.96 -17.55
C PRO B 194 -11.24 6.71 -16.97
N GLY B 195 -11.36 6.59 -15.65
CA GLY B 195 -10.83 5.41 -14.98
C GLY B 195 -9.42 5.60 -14.48
N PHE B 196 -8.76 6.64 -14.96
CA PHE B 196 -7.41 6.98 -14.60
C PHE B 196 -7.31 8.26 -13.80
N THR B 197 -6.46 8.25 -12.77
CA THR B 197 -6.26 9.38 -11.86
C THR B 197 -4.80 9.83 -11.83
N LYS B 198 -4.59 11.11 -11.55
CA LYS B 198 -3.26 11.69 -11.45
C LYS B 198 -2.91 11.78 -9.99
N ALA B 199 -3.92 11.60 -9.15
CA ALA B 199 -3.75 11.67 -7.71
C ALA B 199 -3.34 10.34 -7.10
N LEU B 200 -2.17 9.80 -7.49
CA LEU B 200 -1.65 8.53 -6.92
C LEU B 200 -1.50 9.02 -5.52
N GLY B 201 -1.91 8.27 -4.53
CA GLY B 201 -1.88 8.84 -3.18
C GLY B 201 -3.24 8.40 -2.69
N HIS B 202 -4.20 8.52 -3.59
CA HIS B 202 -5.55 8.07 -3.37
C HIS B 202 -6.07 8.42 -2.00
N GLY B 203 -5.92 9.67 -1.59
CA GLY B 203 -6.41 10.00 -0.26
C GLY B 203 -5.93 11.33 0.24
N VAL B 204 -6.06 11.51 1.54
CA VAL B 204 -5.66 12.75 2.15
C VAL B 204 -4.12 12.88 2.26
N ASP B 205 -3.42 13.07 1.14
CA ASP B 205 -1.96 13.25 1.21
C ASP B 205 -1.65 14.76 1.18
N LEU B 206 -2.70 15.56 1.08
CA LEU B 206 -2.59 17.01 0.99
C LEU B 206 -1.82 17.41 -0.25
N GLY B 207 -1.96 16.61 -1.28
CA GLY B 207 -1.25 16.90 -2.50
C GLY B 207 -1.80 18.07 -3.26
N HIS B 208 -2.96 18.55 -2.85
CA HIS B 208 -3.53 19.70 -3.51
C HIS B 208 -2.85 20.94 -2.94
N ILE B 209 -2.01 20.75 -1.91
CA ILE B 209 -1.26 21.87 -1.33
C ILE B 209 0.18 21.81 -1.78
N TYR B 210 0.80 20.63 -1.65
CA TYR B 210 2.20 20.42 -2.03
C TYR B 210 2.50 19.93 -3.44
N GLY B 211 1.49 19.51 -4.19
CA GLY B 211 1.75 19.04 -5.55
C GLY B 211 1.57 17.53 -5.63
N ASP B 212 1.22 17.01 -6.80
CA ASP B 212 1.04 15.57 -6.97
C ASP B 212 2.32 14.89 -7.43
N ASN B 213 3.45 15.59 -7.32
CA ASN B 213 4.75 15.04 -7.69
C ASN B 213 5.91 15.88 -7.21
N LEU B 214 6.97 15.17 -6.86
CA LEU B 214 8.19 15.76 -6.35
C LEU B 214 8.63 17.02 -7.01
N GLU B 215 8.79 16.97 -8.34
CA GLU B 215 9.24 18.15 -9.11
C GLU B 215 8.46 19.42 -8.71
N ARG B 216 7.13 19.30 -8.72
CA ARG B 216 6.22 20.39 -8.41
C ARG B 216 6.31 20.81 -6.96
N GLN B 217 6.51 19.87 -6.05
CA GLN B 217 6.64 20.26 -4.65
C GLN B 217 7.88 21.12 -4.55
N TYR B 218 8.98 20.67 -5.15
CA TYR B 218 10.23 21.42 -5.09
C TYR B 218 10.13 22.79 -5.68
N GLN B 219 9.14 23.00 -6.55
CA GLN B 219 8.94 24.30 -7.20
C GLN B 219 8.26 25.23 -6.23
N LEU B 220 7.31 24.67 -5.50
CA LEU B 220 6.52 25.40 -4.55
C LEU B 220 7.26 25.62 -3.26
N ARG B 221 8.35 24.91 -3.04
CA ARG B 221 9.05 25.03 -1.75
C ARG B 221 10.06 26.14 -1.62
N LEU B 222 10.09 26.75 -0.44
CA LEU B 222 11.01 27.84 -0.18
C LEU B 222 12.41 27.29 0.03
N PHE B 223 12.49 26.06 0.54
CA PHE B 223 13.77 25.42 0.84
C PHE B 223 14.46 26.19 1.94
N LYS B 224 13.65 26.77 2.81
CA LYS B 224 14.11 27.54 3.96
C LYS B 224 13.09 27.39 5.10
N ASP B 225 13.56 26.91 6.24
CA ASP B 225 12.76 26.70 7.44
C ASP B 225 11.57 25.78 7.27
N GLY B 226 11.56 25.06 6.16
CA GLY B 226 10.49 24.12 5.89
C GLY B 226 9.32 24.83 5.25
N LYS B 227 9.50 26.13 5.05
CA LYS B 227 8.48 26.97 4.46
C LYS B 227 8.23 26.73 2.99
N LEU B 228 6.99 27.03 2.65
CA LEU B 228 6.42 26.93 1.33
C LEU B 228 6.59 28.36 0.82
N LYS B 229 6.92 28.55 -0.46
CA LYS B 229 7.09 29.89 -1.00
C LYS B 229 5.80 30.69 -0.87
N TYR B 230 5.86 31.97 -1.18
CA TYR B 230 4.67 32.83 -1.12
C TYR B 230 5.06 34.24 -1.49
N GLN B 231 4.08 35.14 -1.46
CA GLN B 231 4.27 36.56 -1.80
C GLN B 231 3.41 37.45 -0.92
N MET B 232 3.82 38.70 -0.81
CA MET B 232 3.09 39.65 0.02
C MET B 232 2.40 40.62 -0.93
N LEU B 233 1.10 40.81 -0.71
CA LEU B 233 0.32 41.72 -1.51
C LEU B 233 -0.51 42.36 -0.44
N ASN B 234 -0.56 43.69 -0.42
CA ASN B 234 -1.34 44.41 0.58
C ASN B 234 -0.94 44.03 2.00
N GLY B 235 0.34 43.73 2.20
CA GLY B 235 0.82 43.36 3.51
C GLY B 235 0.32 41.99 3.95
N GLU B 236 -0.24 41.24 3.02
CA GLU B 236 -0.75 39.92 3.31
C GLU B 236 -0.05 38.82 2.51
N VAL B 237 -0.01 37.65 3.11
CA VAL B 237 0.62 36.48 2.54
C VAL B 237 -0.27 35.74 1.59
N TYR B 238 0.20 35.53 0.38
CA TYR B 238 -0.56 34.80 -0.64
C TYR B 238 0.33 33.87 -1.41
N PRO B 239 -0.26 32.85 -2.04
CA PRO B 239 0.52 31.89 -2.83
C PRO B 239 1.43 32.65 -3.79
N PRO B 240 2.62 32.13 -4.06
CA PRO B 240 3.55 32.80 -4.97
C PRO B 240 2.99 32.87 -6.36
N SER B 241 3.66 33.62 -7.22
CA SER B 241 3.25 33.75 -8.61
C SER B 241 3.90 32.68 -9.43
N VAL B 242 3.31 32.36 -10.56
CA VAL B 242 3.87 31.37 -11.43
C VAL B 242 5.26 31.85 -11.87
N GLU B 243 5.55 33.14 -11.74
CA GLU B 243 6.86 33.67 -12.10
C GLU B 243 7.97 33.18 -11.13
N GLU B 244 7.62 33.22 -9.84
CA GLU B 244 8.48 32.81 -8.73
C GLU B 244 8.58 31.28 -8.61
N ALA B 245 7.44 30.63 -8.77
CA ALA B 245 7.30 29.19 -8.70
C ALA B 245 6.75 28.70 -10.02
N PRO B 246 7.62 28.59 -11.05
CA PRO B 246 7.30 28.16 -12.41
C PRO B 246 6.69 26.77 -12.44
N VAL B 247 5.44 26.71 -12.03
CA VAL B 247 4.69 25.47 -11.94
C VAL B 247 3.51 25.52 -12.93
N LEU B 248 3.05 24.37 -13.43
CA LEU B 248 1.92 24.35 -14.39
C LEU B 248 0.58 24.64 -13.74
N MET B 249 -0.12 25.63 -14.27
CA MET B 249 -1.43 26.00 -13.76
C MET B 249 -2.38 26.09 -14.93
N HIS B 250 -3.66 25.92 -14.64
CA HIS B 250 -4.66 26.02 -15.69
C HIS B 250 -5.37 27.36 -15.55
N TYR B 251 -4.87 28.35 -16.29
CA TYR B 251 -5.47 29.69 -16.32
C TYR B 251 -5.81 29.93 -17.79
N PRO B 252 -6.91 30.64 -18.07
CA PRO B 252 -7.21 30.86 -19.50
C PRO B 252 -6.12 31.60 -20.26
N ARG B 253 -5.95 31.25 -21.54
CA ARG B 253 -4.95 31.90 -22.39
C ARG B 253 -5.14 33.41 -22.29
N GLY B 254 -4.03 34.13 -22.16
CA GLY B 254 -4.12 35.56 -22.08
C GLY B 254 -3.80 36.12 -20.71
N ILE B 255 -3.68 35.24 -19.73
CA ILE B 255 -3.35 35.66 -18.39
C ILE B 255 -1.86 35.45 -18.19
N PRO B 256 -1.14 36.51 -17.78
CA PRO B 256 0.31 36.42 -17.56
C PRO B 256 0.66 35.74 -16.27
N PRO B 257 1.84 35.11 -16.24
CA PRO B 257 2.38 34.37 -15.10
C PRO B 257 2.30 35.21 -13.84
N GLN B 258 2.67 36.47 -13.99
CA GLN B 258 2.66 37.41 -12.87
C GLN B 258 1.29 37.65 -12.32
N SER B 259 0.27 37.04 -12.91
CA SER B 259 -1.09 37.23 -12.42
C SER B 259 -1.72 35.92 -11.99
N GLN B 260 -0.93 34.85 -12.09
CA GLN B 260 -1.37 33.52 -11.73
C GLN B 260 -0.67 33.09 -10.44
N MET B 261 -1.42 32.48 -9.54
CA MET B 261 -0.83 32.02 -8.30
C MET B 261 -0.56 30.54 -8.49
N ALA B 262 0.66 30.11 -8.17
CA ALA B 262 1.07 28.72 -8.29
C ALA B 262 0.62 28.04 -7.01
N VAL B 263 -0.08 26.91 -7.09
CA VAL B 263 -0.50 26.29 -5.84
C VAL B 263 -0.43 24.79 -5.64
N GLY B 264 -0.28 23.98 -6.67
CA GLY B 264 -0.24 22.56 -6.30
C GLY B 264 -1.27 21.76 -7.01
N GLN B 265 -2.49 22.29 -7.01
CA GLN B 265 -3.65 21.73 -7.74
C GLN B 265 -3.80 22.75 -8.89
N GLU B 266 -3.32 22.39 -10.08
CA GLU B 266 -3.35 23.27 -11.27
C GLU B 266 -4.68 23.95 -11.53
N VAL B 267 -5.73 23.23 -11.18
CA VAL B 267 -7.04 23.72 -11.43
C VAL B 267 -7.55 24.78 -10.50
N PHE B 268 -6.97 24.86 -9.30
CA PHE B 268 -7.46 25.82 -8.31
C PHE B 268 -7.49 27.29 -8.68
N GLY B 269 -6.88 27.69 -9.79
CA GLY B 269 -6.91 29.10 -10.14
C GLY B 269 -8.24 29.64 -10.69
N LEU B 270 -9.21 28.75 -10.91
CA LEU B 270 -10.45 29.16 -11.54
C LEU B 270 -11.62 29.31 -10.61
N LEU B 271 -11.42 29.96 -9.47
CA LEU B 271 -12.49 30.14 -8.47
C LEU B 271 -11.96 30.68 -7.15
N PRO B 272 -12.32 31.91 -6.80
CA PRO B 272 -11.84 32.46 -5.53
C PRO B 272 -12.01 31.54 -4.33
N GLY B 273 -13.10 30.80 -4.24
CA GLY B 273 -13.28 29.92 -3.10
C GLY B 273 -12.12 28.96 -2.94
N LEU B 274 -11.73 28.37 -4.07
CA LEU B 274 -10.65 27.43 -4.14
C LEU B 274 -9.36 28.11 -3.75
N MET B 275 -9.02 29.20 -4.42
CA MET B 275 -7.80 29.91 -4.08
C MET B 275 -7.88 30.54 -2.67
N LEU B 276 -9.06 30.59 -2.06
CA LEU B 276 -9.20 31.15 -0.72
C LEU B 276 -8.64 30.10 0.20
N TYR B 277 -9.15 28.88 0.09
CA TYR B 277 -8.67 27.81 0.94
C TYR B 277 -7.22 27.49 0.69
N ALA B 278 -6.74 27.61 -0.55
CA ALA B 278 -5.33 27.32 -0.79
C ALA B 278 -4.45 28.29 0.01
N THR B 279 -4.94 29.52 0.18
CA THR B 279 -4.22 30.54 0.91
C THR B 279 -4.23 30.27 2.40
N ILE B 280 -5.37 29.87 2.94
CA ILE B 280 -5.43 29.57 4.37
C ILE B 280 -4.44 28.44 4.69
N TRP B 281 -4.41 27.39 3.89
CA TRP B 281 -3.51 26.31 4.21
C TRP B 281 -2.06 26.70 4.02
N LEU B 282 -1.72 27.39 2.93
CA LEU B 282 -0.32 27.80 2.76
C LEU B 282 0.08 28.56 4.01
N ARG B 283 -0.74 29.52 4.42
CA ARG B 283 -0.46 30.28 5.63
C ARG B 283 -0.23 29.34 6.81
N GLU B 284 -1.16 28.43 7.03
CA GLU B 284 -1.06 27.46 8.10
C GLU B 284 0.24 26.61 8.06
N HIS B 285 0.67 26.19 6.88
CA HIS B 285 1.88 25.38 6.79
C HIS B 285 3.08 26.18 7.25
N ASN B 286 3.22 27.40 6.77
CA ASN B 286 4.35 28.22 7.17
C ASN B 286 4.31 28.55 8.68
N ARG B 287 3.09 28.65 9.24
CA ARG B 287 2.90 28.98 10.66
C ARG B 287 3.43 27.86 11.51
N VAL B 288 3.13 26.63 11.11
CA VAL B 288 3.57 25.46 11.84
C VAL B 288 5.08 25.30 11.71
N CYS B 289 5.64 25.70 10.57
CA CYS B 289 7.08 25.58 10.42
C CYS B 289 7.73 26.35 11.53
N ASP B 290 7.25 27.56 11.79
CA ASP B 290 7.82 28.36 12.86
C ASP B 290 7.71 27.64 14.20
N LEU B 291 6.53 27.15 14.53
CA LEU B 291 6.36 26.44 15.79
C LEU B 291 7.37 25.33 15.93
N LEU B 292 7.68 24.68 14.82
CA LEU B 292 8.61 23.58 14.86
C LEU B 292 10.05 24.00 15.05
N LYS B 293 10.54 24.90 14.20
CA LYS B 293 11.92 25.39 14.28
C LYS B 293 12.26 25.85 15.70
N ALA B 294 11.32 26.53 16.31
CA ALA B 294 11.50 27.06 17.65
C ALA B 294 11.85 25.97 18.61
N GLU B 295 11.16 24.86 18.42
CA GLU B 295 11.29 23.67 19.24
C GLU B 295 12.52 22.85 18.89
N HIS B 296 12.88 22.85 17.62
CA HIS B 296 13.97 22.03 17.13
C HIS B 296 14.94 22.86 16.29
N PRO B 297 15.72 23.74 16.95
CA PRO B 297 16.68 24.58 16.23
C PRO B 297 17.63 23.76 15.39
N THR B 298 17.82 22.53 15.79
CA THR B 298 18.73 21.62 15.11
C THR B 298 18.26 21.06 13.76
N TRP B 299 16.95 21.10 13.51
CA TRP B 299 16.37 20.55 12.30
C TRP B 299 16.67 21.34 11.09
N GLY B 300 16.55 20.66 9.96
CA GLY B 300 16.78 21.31 8.68
C GLY B 300 15.47 21.58 7.98
N ASP B 301 15.59 22.01 6.72
CA ASP B 301 14.44 22.31 5.87
C ASP B 301 13.56 21.07 5.75
N GLU B 302 14.06 20.04 5.07
CA GLU B 302 13.31 18.79 4.92
C GLU B 302 12.51 18.38 6.13
N GLN B 303 13.17 18.17 7.25
CA GLN B 303 12.43 17.73 8.41
C GLN B 303 11.37 18.70 8.88
N LEU B 304 11.68 19.99 8.83
CA LEU B 304 10.66 20.94 9.22
C LEU B 304 9.50 20.74 8.19
N PHE B 305 9.84 20.74 6.90
CA PHE B 305 8.84 20.55 5.87
C PHE B 305 8.03 19.26 6.00
N GLN B 306 8.71 18.13 6.08
CA GLN B 306 8.03 16.86 6.21
C GLN B 306 7.16 16.84 7.45
N THR B 307 7.69 17.25 8.60
CA THR B 307 6.88 17.22 9.82
C THR B 307 5.72 18.22 9.72
N ALA B 308 5.91 19.34 9.02
CA ALA B 308 4.83 20.31 8.88
C ALA B 308 3.67 19.63 8.14
N ARG B 309 3.99 18.98 7.03
CA ARG B 309 2.98 18.29 6.24
C ARG B 309 2.24 17.21 7.00
N LEU B 310 2.89 16.51 7.92
CA LEU B 310 2.18 15.48 8.66
C LEU B 310 1.22 16.13 9.63
N ILE B 311 1.58 17.30 10.15
CA ILE B 311 0.69 17.98 11.10
C ILE B 311 -0.54 18.48 10.36
N LEU B 312 -0.35 19.01 9.15
CA LEU B 312 -1.49 19.47 8.37
C LEU B 312 -2.37 18.30 7.94
N ILE B 313 -1.78 17.14 7.60
CA ILE B 313 -2.61 16.00 7.21
C ILE B 313 -3.49 15.69 8.40
N GLY B 314 -2.90 15.72 9.59
CA GLY B 314 -3.67 15.47 10.79
C GLY B 314 -4.76 16.50 11.01
N GLU B 315 -4.42 17.78 10.84
CA GLU B 315 -5.41 18.83 11.04
C GLU B 315 -6.58 18.59 10.13
N THR B 316 -6.26 18.40 8.86
CA THR B 316 -7.23 18.14 7.84
C THR B 316 -8.10 16.95 8.23
N ILE B 317 -7.51 15.81 8.57
CA ILE B 317 -8.34 14.68 8.94
C ILE B 317 -9.29 15.03 10.06
N LYS B 318 -8.85 15.79 11.07
CA LYS B 318 -9.75 16.18 12.18
C LYS B 318 -10.93 17.09 11.77
N ILE B 319 -10.64 18.25 11.22
CA ILE B 319 -11.67 19.16 10.76
C ILE B 319 -12.60 18.41 9.81
N VAL B 320 -12.00 17.76 8.82
CA VAL B 320 -12.76 17.04 7.85
C VAL B 320 -13.75 16.10 8.52
N ILE B 321 -13.34 15.51 9.64
CA ILE B 321 -14.18 14.55 10.37
C ILE B 321 -15.12 15.06 11.46
N GLU B 322 -14.68 15.98 12.31
CA GLU B 322 -15.54 16.45 13.39
C GLU B 322 -16.39 17.67 13.11
N GLU B 323 -16.10 18.36 12.01
CA GLU B 323 -16.85 19.57 11.67
C GLU B 323 -17.45 19.43 10.28
N TYR B 324 -16.63 18.94 9.35
CA TYR B 324 -17.05 18.73 7.98
C TYR B 324 -18.08 17.62 7.92
N VAL B 325 -17.81 16.45 8.49
CA VAL B 325 -18.79 15.35 8.49
C VAL B 325 -20.01 15.75 9.31
N GLN B 326 -19.78 16.01 10.60
CA GLN B 326 -20.83 16.42 11.55
C GLN B 326 -21.95 17.26 10.88
N GLN B 327 -21.55 18.32 10.19
CA GLN B 327 -22.48 19.19 9.49
C GLN B 327 -23.30 18.36 8.51
N LEU B 328 -22.63 17.65 7.62
CA LEU B 328 -23.33 16.86 6.64
C LEU B 328 -24.36 15.96 7.30
N SER B 329 -23.92 14.96 8.05
CA SER B 329 -24.85 14.01 8.70
C SER B 329 -26.08 14.65 9.29
N GLY B 330 -25.82 15.58 10.21
CA GLY B 330 -26.86 16.29 10.93
C GLY B 330 -27.12 15.71 12.30
N TYR B 331 -26.31 14.70 12.62
CA TYR B 331 -26.44 13.96 13.86
C TYR B 331 -26.11 14.79 15.08
N PHE B 332 -26.60 14.31 16.22
CA PHE B 332 -26.36 14.94 17.51
C PHE B 332 -25.13 14.33 18.16
N LEU B 333 -24.77 13.14 17.70
CA LEU B 333 -23.63 12.38 18.20
C LEU B 333 -22.29 12.97 17.83
N GLN B 334 -21.53 13.33 18.84
CA GLN B 334 -20.24 13.94 18.63
C GLN B 334 -19.24 13.01 17.99
N LEU B 335 -19.13 13.09 16.67
CA LEU B 335 -18.18 12.24 15.94
C LEU B 335 -16.82 12.60 16.50
N LYS B 336 -16.12 11.62 17.00
CA LYS B 336 -14.81 11.87 17.57
C LYS B 336 -13.75 11.31 16.66
N PHE B 337 -12.73 12.10 16.36
CA PHE B 337 -11.64 11.62 15.53
C PHE B 337 -10.60 11.14 16.50
N ASP B 338 -10.44 9.84 16.58
CA ASP B 338 -9.46 9.31 17.47
C ASP B 338 -8.99 8.04 16.82
N PRO B 339 -7.78 8.05 16.27
CA PRO B 339 -7.23 6.89 15.59
C PRO B 339 -7.16 5.67 16.48
N GLU B 340 -7.15 5.87 17.79
CA GLU B 340 -7.03 4.78 18.76
C GLU B 340 -8.25 3.88 18.93
N LEU B 341 -9.43 4.39 18.57
CA LEU B 341 -10.64 3.59 18.69
C LEU B 341 -10.48 2.38 17.79
N LEU B 342 -9.60 2.47 16.81
CA LEU B 342 -9.39 1.39 15.88
C LEU B 342 -8.23 0.48 16.22
N PHE B 343 -7.38 0.86 17.18
CA PHE B 343 -6.22 0.02 17.53
C PHE B 343 -6.59 -1.43 17.90
N GLY B 344 -7.75 -1.66 18.47
CA GLY B 344 -8.07 -3.05 18.77
C GLY B 344 -8.63 -3.80 17.56
N ALA B 345 -9.24 -3.07 16.64
CA ALA B 345 -9.88 -3.66 15.46
C ALA B 345 -8.96 -4.23 14.41
N GLN B 346 -9.53 -5.00 13.52
CA GLN B 346 -8.78 -5.53 12.40
C GLN B 346 -9.09 -4.50 11.32
N PHE B 347 -8.13 -3.65 11.00
CA PHE B 347 -8.31 -2.59 10.01
C PHE B 347 -7.04 -2.55 9.14
N GLN B 348 -7.18 -2.17 7.86
CA GLN B 348 -6.05 -2.10 6.90
C GLN B 348 -5.74 -0.66 6.65
N TYR B 349 -4.62 -0.17 7.13
CA TYR B 349 -4.29 1.22 6.91
C TYR B 349 -3.88 1.43 5.46
N ARG B 350 -4.86 1.35 4.57
CA ARG B 350 -4.61 1.50 3.15
C ARG B 350 -5.92 1.99 2.46
N ASN B 351 -5.80 2.79 1.41
CA ASN B 351 -6.98 3.23 0.66
C ASN B 351 -6.75 3.32 -0.87
N ARG B 352 -7.83 3.39 -1.62
CA ARG B 352 -7.72 3.49 -3.09
C ARG B 352 -9.02 4.11 -3.62
N ILE B 353 -8.94 5.30 -4.24
CA ILE B 353 -10.15 5.99 -4.71
C ILE B 353 -10.91 5.24 -5.79
N ALA B 354 -12.15 4.94 -5.46
CA ALA B 354 -13.01 4.22 -6.35
C ALA B 354 -13.73 5.15 -7.29
N MET B 355 -13.95 4.69 -8.50
CA MET B 355 -14.65 5.47 -9.48
C MET B 355 -16.04 5.77 -8.98
N GLU B 356 -16.69 4.82 -8.33
CA GLU B 356 -18.05 5.06 -7.82
C GLU B 356 -18.00 6.27 -6.92
N PHE B 357 -16.93 6.33 -6.16
CA PHE B 357 -16.75 7.42 -5.22
C PHE B 357 -16.55 8.81 -5.85
N ASN B 358 -15.96 8.85 -7.03
CA ASN B 358 -15.73 10.11 -7.75
C ASN B 358 -17.06 10.62 -8.29
N GLN B 359 -17.94 9.70 -8.62
CA GLN B 359 -19.25 10.05 -9.09
C GLN B 359 -20.10 10.52 -7.91
N LEU B 360 -20.42 9.61 -6.99
CA LEU B 360 -21.25 9.91 -5.86
C LEU B 360 -20.87 11.16 -5.10
N TYR B 361 -19.67 11.66 -5.32
CA TYR B 361 -19.26 12.86 -4.67
C TYR B 361 -19.38 14.13 -5.55
N HIS B 362 -19.86 14.01 -6.79
CA HIS B 362 -20.00 15.12 -7.76
C HIS B 362 -21.16 16.08 -7.46
N TRP B 363 -21.18 16.59 -6.23
CA TRP B 363 -22.23 17.49 -5.72
C TRP B 363 -22.30 18.91 -6.29
N HIS B 364 -22.53 19.02 -7.58
CA HIS B 364 -22.61 20.33 -8.16
C HIS B 364 -23.85 21.20 -7.78
N PRO B 365 -24.93 20.58 -7.26
CA PRO B 365 -26.12 21.35 -6.88
C PRO B 365 -25.86 22.33 -5.76
N LEU B 366 -24.80 22.07 -5.02
CA LEU B 366 -24.45 22.93 -3.92
C LEU B 366 -24.26 24.41 -4.31
N MET B 367 -23.59 24.71 -5.45
CA MET B 367 -23.32 26.05 -5.95
C MET B 367 -24.63 26.80 -6.06
N PRO B 368 -24.64 28.08 -5.65
CA PRO B 368 -25.78 28.98 -5.65
C PRO B 368 -26.03 29.58 -7.02
N ASP B 369 -26.91 30.60 -7.06
CA ASP B 369 -27.25 31.27 -8.31
C ASP B 369 -26.32 32.43 -8.60
N SER B 370 -25.83 33.04 -7.53
CA SER B 370 -24.93 34.18 -7.61
C SER B 370 -24.08 34.13 -6.35
N PHE B 371 -22.98 34.86 -6.32
CA PHE B 371 -22.13 34.83 -5.15
C PHE B 371 -22.13 36.18 -4.49
N ARG B 372 -22.75 36.22 -3.31
CA ARG B 372 -22.85 37.45 -2.54
C ARG B 372 -21.73 37.70 -1.55
N VAL B 373 -21.03 38.80 -1.82
CA VAL B 373 -19.95 39.29 -0.99
C VAL B 373 -20.32 40.69 -0.47
N GLY B 374 -21.10 40.70 0.62
CA GLY B 374 -21.56 41.94 1.22
C GLY B 374 -22.72 42.51 0.42
N PRO B 375 -22.67 43.80 0.09
CA PRO B 375 -23.74 44.43 -0.68
C PRO B 375 -23.61 43.98 -2.13
N GLN B 376 -22.39 43.56 -2.48
CA GLN B 376 -22.04 43.07 -3.79
C GLN B 376 -22.53 41.68 -4.06
N ASP B 377 -23.15 41.51 -5.21
CA ASP B 377 -23.66 40.21 -5.59
C ASP B 377 -23.08 39.90 -6.97
N TYR B 378 -22.06 39.03 -6.99
CA TYR B 378 -21.38 38.70 -8.23
C TYR B 378 -21.97 37.55 -8.98
N SER B 379 -21.91 37.65 -10.30
CA SER B 379 -22.44 36.60 -11.17
C SER B 379 -21.35 35.54 -11.41
N TYR B 380 -21.76 34.40 -11.99
CA TYR B 380 -20.80 33.35 -12.31
C TYR B 380 -19.80 33.98 -13.23
N GLU B 381 -20.25 34.71 -14.23
CA GLU B 381 -19.31 35.35 -15.15
C GLU B 381 -18.36 36.35 -14.47
N GLN B 382 -18.66 36.79 -13.26
CA GLN B 382 -17.76 37.69 -12.59
C GLN B 382 -16.87 36.94 -11.57
N PHE B 383 -17.34 35.77 -11.13
CA PHE B 383 -16.63 34.92 -10.15
C PHE B 383 -15.59 34.01 -10.83
N LEU B 384 -16.04 33.16 -11.74
CA LEU B 384 -15.20 32.15 -12.39
C LEU B 384 -13.69 32.23 -12.69
N PHE B 385 -13.17 33.27 -13.33
CA PHE B 385 -11.70 33.22 -13.49
C PHE B 385 -11.07 34.47 -12.94
N ASN B 386 -11.74 34.97 -11.90
CA ASN B 386 -11.40 36.21 -11.24
C ASN B 386 -10.11 36.22 -10.47
N THR B 387 -9.06 36.56 -11.18
CA THR B 387 -7.74 36.63 -10.63
C THR B 387 -7.57 37.70 -9.55
N SER B 388 -8.49 38.66 -9.47
CA SER B 388 -8.38 39.75 -8.47
C SER B 388 -9.26 39.76 -7.22
N MET B 389 -10.39 39.07 -7.24
CA MET B 389 -11.29 39.12 -6.09
C MET B 389 -10.69 38.75 -4.74
N LEU B 390 -9.76 37.81 -4.69
CA LEU B 390 -9.20 37.41 -3.40
C LEU B 390 -8.26 38.42 -2.80
N VAL B 391 -7.35 38.93 -3.61
CA VAL B 391 -6.39 39.91 -3.12
C VAL B 391 -7.12 41.21 -2.80
N ASP B 392 -8.19 41.50 -3.56
CA ASP B 392 -9.03 42.69 -3.39
C ASP B 392 -9.70 42.65 -2.03
N TYR B 393 -10.49 41.60 -1.79
CA TYR B 393 -11.25 41.45 -0.55
C TYR B 393 -10.46 40.88 0.64
N GLY B 394 -9.50 40.02 0.35
CA GLY B 394 -8.74 39.42 1.43
C GLY B 394 -9.50 38.30 2.10
N VAL B 395 -8.75 37.37 2.69
CA VAL B 395 -9.31 36.19 3.35
C VAL B 395 -10.53 36.41 4.21
N GLU B 396 -10.39 37.22 5.25
CA GLU B 396 -11.51 37.49 6.19
C GLU B 396 -12.87 37.82 5.54
N ALA B 397 -12.84 38.79 4.63
CA ALA B 397 -14.03 39.24 3.91
C ALA B 397 -14.75 38.08 3.24
N LEU B 398 -14.01 37.30 2.45
CA LEU B 398 -14.58 36.16 1.78
C LEU B 398 -15.00 35.10 2.77
N VAL B 399 -14.20 34.86 3.80
CA VAL B 399 -14.59 33.83 4.74
C VAL B 399 -15.92 34.14 5.42
N ASP B 400 -16.16 35.42 5.67
CA ASP B 400 -17.40 35.82 6.34
C ASP B 400 -18.55 35.65 5.38
N ALA B 401 -18.29 36.04 4.14
CA ALA B 401 -19.27 35.98 3.06
C ALA B 401 -19.76 34.55 2.82
N PHE B 402 -18.83 33.66 2.52
CA PHE B 402 -19.21 32.31 2.23
C PHE B 402 -19.84 31.65 3.44
N SER B 403 -19.42 32.06 4.64
CA SER B 403 -19.95 31.49 5.88
C SER B 403 -21.37 31.90 6.13
N ARG B 404 -21.78 32.99 5.47
CA ARG B 404 -23.12 33.50 5.65
C ARG B 404 -24.11 33.11 4.57
N GLN B 405 -23.63 32.85 3.36
CA GLN B 405 -24.52 32.49 2.25
C GLN B 405 -24.81 31.03 2.11
N PRO B 406 -26.08 30.65 2.23
CA PRO B 406 -26.48 29.25 2.12
C PRO B 406 -26.20 28.62 0.77
N ALA B 407 -25.90 27.32 0.80
CA ALA B 407 -25.65 26.51 -0.38
C ALA B 407 -26.94 25.71 -0.63
N GLY B 408 -27.16 25.28 -1.86
CA GLY B 408 -28.39 24.56 -2.16
C GLY B 408 -28.42 23.09 -1.83
N ARG B 409 -29.62 22.58 -1.56
CA ARG B 409 -29.83 21.15 -1.22
C ARG B 409 -29.14 20.28 -2.28
N ILE B 410 -28.62 19.12 -1.88
CA ILE B 410 -27.94 18.26 -2.82
C ILE B 410 -28.81 17.18 -3.41
N GLY B 411 -29.70 16.61 -2.59
CA GLY B 411 -30.59 15.58 -3.11
C GLY B 411 -31.92 16.20 -3.51
N GLY B 412 -32.76 15.44 -4.22
CA GLY B 412 -34.08 15.94 -4.57
C GLY B 412 -34.48 16.17 -6.02
N GLY B 413 -33.57 16.67 -6.84
CA GLY B 413 -33.88 16.94 -8.24
C GLY B 413 -33.96 18.43 -8.55
N ARG B 414 -33.75 18.76 -9.83
CA ARG B 414 -33.83 20.12 -10.38
C ARG B 414 -33.23 21.25 -9.55
N ASN B 415 -31.99 21.09 -9.12
CA ASN B 415 -31.34 22.13 -8.32
C ASN B 415 -29.90 22.46 -8.73
N ILE B 416 -29.46 21.99 -9.91
CA ILE B 416 -28.11 22.30 -10.41
C ILE B 416 -28.17 23.53 -11.30
N ASP B 417 -27.48 24.60 -10.95
CA ASP B 417 -27.48 25.82 -11.80
C ASP B 417 -27.07 25.58 -13.28
N HIS B 418 -27.79 26.19 -14.21
CA HIS B 418 -27.48 26.01 -15.63
C HIS B 418 -26.03 26.19 -16.03
N HIS B 419 -25.32 27.12 -15.39
CA HIS B 419 -23.90 27.40 -15.65
C HIS B 419 -22.98 26.19 -15.58
N ILE B 420 -23.29 25.24 -14.70
CA ILE B 420 -22.44 24.09 -14.59
C ILE B 420 -23.20 22.80 -14.89
N LEU B 421 -24.42 22.93 -15.40
CA LEU B 421 -25.23 21.74 -15.70
C LEU B 421 -24.57 20.79 -16.68
N HIS B 422 -23.58 21.29 -17.44
CA HIS B 422 -22.88 20.43 -18.40
C HIS B 422 -22.10 19.32 -17.71
N VAL B 423 -21.56 19.66 -16.55
CA VAL B 423 -20.79 18.73 -15.76
C VAL B 423 -21.65 17.49 -15.46
N ALA B 424 -22.92 17.69 -15.11
CA ALA B 424 -23.77 16.53 -14.82
C ALA B 424 -23.99 15.72 -16.09
N VAL B 425 -24.03 16.41 -17.22
CA VAL B 425 -24.22 15.70 -18.45
C VAL B 425 -23.01 14.76 -18.63
N ASP B 426 -21.81 15.32 -18.50
CA ASP B 426 -20.58 14.56 -18.64
C ASP B 426 -20.52 13.37 -17.65
N VAL B 427 -20.92 13.60 -16.40
CA VAL B 427 -20.89 12.55 -15.40
C VAL B 427 -21.72 11.35 -15.80
N ILE B 428 -22.90 11.61 -16.33
CA ILE B 428 -23.76 10.52 -16.76
C ILE B 428 -23.09 9.81 -17.92
N LYS B 429 -22.48 10.57 -18.81
CA LYS B 429 -21.83 9.97 -19.94
C LYS B 429 -20.65 9.09 -19.57
N GLU B 430 -19.82 9.59 -18.64
CA GLU B 430 -18.64 8.87 -18.18
C GLU B 430 -19.07 7.58 -17.51
N SER B 431 -20.15 7.67 -16.76
CA SER B 431 -20.71 6.54 -16.05
C SER B 431 -20.87 5.43 -17.04
N ARG B 432 -21.37 5.78 -18.22
CA ARG B 432 -21.62 4.77 -19.26
C ARG B 432 -20.36 4.21 -19.89
N VAL B 433 -19.33 5.03 -20.05
CA VAL B 433 -18.06 4.57 -20.60
C VAL B 433 -17.49 3.57 -19.62
N LEU B 434 -17.57 3.94 -18.34
CA LEU B 434 -17.11 3.14 -17.22
C LEU B 434 -17.98 1.90 -17.07
N ARG B 435 -19.10 1.88 -17.78
CA ARG B 435 -20.04 0.77 -17.73
C ARG B 435 -20.45 0.37 -16.33
N LEU B 436 -20.76 1.38 -15.49
CA LEU B 436 -21.18 1.20 -14.09
C LEU B 436 -22.42 0.32 -14.02
N GLN B 437 -22.58 -0.45 -12.96
CA GLN B 437 -23.78 -1.28 -12.88
C GLN B 437 -24.95 -0.38 -12.48
N PRO B 438 -26.18 -0.93 -12.52
CA PRO B 438 -27.37 -0.15 -12.15
C PRO B 438 -27.42 0.28 -10.70
N PHE B 439 -28.10 1.41 -10.46
CA PHE B 439 -28.29 1.98 -9.14
C PHE B 439 -28.78 0.91 -8.21
N ASN B 440 -29.80 0.17 -8.64
CA ASN B 440 -30.36 -0.82 -7.73
C ASN B 440 -29.37 -1.88 -7.24
N GLU B 441 -28.35 -2.16 -8.04
CA GLU B 441 -27.34 -3.15 -7.67
C GLU B 441 -26.46 -2.56 -6.56
N TYR B 442 -26.03 -1.31 -6.75
CA TYR B 442 -25.25 -0.66 -5.74
C TYR B 442 -26.06 -0.59 -4.43
N ARG B 443 -27.38 -0.42 -4.54
CA ARG B 443 -28.19 -0.37 -3.34
C ARG B 443 -27.88 -1.59 -2.54
N LYS B 444 -27.95 -2.74 -3.19
CA LYS B 444 -27.77 -3.98 -2.51
C LYS B 444 -26.34 -4.13 -1.99
N ARG B 445 -25.37 -3.71 -2.79
CA ARG B 445 -23.97 -3.81 -2.41
C ARG B 445 -23.76 -3.15 -1.08
N PHE B 446 -24.40 -2.01 -0.90
CA PHE B 446 -24.21 -1.29 0.33
C PHE B 446 -25.25 -1.61 1.39
N GLY B 447 -25.79 -2.82 1.26
CA GLY B 447 -26.74 -3.32 2.23
C GLY B 447 -28.16 -2.76 2.31
N MET B 448 -28.64 -2.25 1.19
CA MET B 448 -29.96 -1.69 1.17
C MET B 448 -30.85 -2.51 0.28
N LYS B 449 -32.16 -2.34 0.45
CA LYS B 449 -33.17 -3.02 -0.35
C LYS B 449 -33.28 -2.23 -1.64
N PRO B 450 -33.34 -2.92 -2.78
CA PRO B 450 -33.45 -2.20 -4.06
C PRO B 450 -34.86 -1.63 -4.25
N TYR B 451 -34.97 -0.49 -4.93
CA TYR B 451 -36.26 0.14 -5.15
C TYR B 451 -37.17 -0.71 -6.03
N THR B 452 -38.44 -0.74 -5.68
CA THR B 452 -39.40 -1.50 -6.44
C THR B 452 -40.08 -0.69 -7.54
N SER B 453 -40.05 0.65 -7.46
CA SER B 453 -40.69 1.52 -8.46
C SER B 453 -40.09 2.92 -8.44
N PHE B 454 -40.24 3.68 -9.53
CA PHE B 454 -39.70 5.03 -9.53
C PHE B 454 -40.34 5.90 -8.49
N GLN B 455 -41.63 5.66 -8.24
CA GLN B 455 -42.39 6.44 -7.28
C GLN B 455 -41.94 6.27 -5.83
N GLU B 456 -41.10 5.27 -5.60
CA GLU B 456 -40.57 4.94 -4.28
C GLU B 456 -39.20 5.58 -4.13
N LEU B 457 -38.51 5.69 -5.24
CA LEU B 457 -37.21 6.31 -5.28
C LEU B 457 -37.52 7.78 -5.04
N THR B 458 -38.14 8.45 -6.02
CA THR B 458 -38.51 9.87 -5.88
C THR B 458 -39.68 9.76 -4.93
N GLY B 459 -39.96 10.77 -4.12
CA GLY B 459 -41.10 10.60 -3.23
C GLY B 459 -42.45 10.96 -3.86
N GLU B 460 -42.56 10.87 -5.19
CA GLU B 460 -43.75 11.29 -5.86
C GLU B 460 -44.23 10.51 -7.08
N LYS B 461 -45.07 11.18 -7.90
CA LYS B 461 -45.64 10.56 -9.09
C LYS B 461 -45.30 11.18 -10.42
N GLU B 462 -45.07 12.49 -10.45
CA GLU B 462 -44.78 13.17 -11.71
C GLU B 462 -43.46 12.77 -12.37
N MET B 463 -42.33 13.07 -11.73
CA MET B 463 -41.02 12.69 -12.25
C MET B 463 -40.93 11.19 -12.37
N ALA B 464 -41.41 10.50 -11.34
CA ALA B 464 -41.38 9.05 -11.33
C ALA B 464 -41.98 8.49 -12.62
N ALA B 465 -43.14 8.99 -13.00
CA ALA B 465 -43.81 8.53 -14.20
C ALA B 465 -42.97 8.69 -15.46
N GLU B 466 -42.26 9.80 -15.56
CA GLU B 466 -41.46 10.05 -16.74
C GLU B 466 -40.13 9.30 -16.71
N LEU B 467 -39.53 9.18 -15.52
CA LEU B 467 -38.27 8.44 -15.41
C LEU B 467 -38.63 7.05 -15.87
N GLU B 468 -39.80 6.57 -15.46
CA GLU B 468 -40.23 5.24 -15.85
C GLU B 468 -40.30 5.02 -17.36
N GLU B 469 -40.89 5.94 -18.10
CA GLU B 469 -40.99 5.76 -19.53
C GLU B 469 -39.66 5.96 -20.23
N LEU B 470 -38.72 6.58 -19.53
CA LEU B 470 -37.40 6.81 -20.09
C LEU B 470 -36.52 5.58 -19.86
N TYR B 471 -36.48 5.13 -18.61
CA TYR B 471 -35.65 4.02 -18.29
C TYR B 471 -36.24 2.67 -18.62
N GLY B 472 -37.54 2.57 -18.45
CA GLY B 472 -38.22 1.31 -18.72
C GLY B 472 -38.35 0.49 -17.46
N ASP B 473 -37.22 0.30 -16.78
CA ASP B 473 -37.20 -0.48 -15.57
C ASP B 473 -36.53 0.27 -14.47
N ILE B 474 -36.97 0.04 -13.25
CA ILE B 474 -36.33 0.71 -12.15
C ILE B 474 -34.94 0.06 -12.05
N ASP B 475 -34.91 -1.22 -12.44
CA ASP B 475 -33.69 -2.01 -12.42
C ASP B 475 -32.73 -1.58 -13.50
N ALA B 476 -33.07 -0.51 -14.21
CA ALA B 476 -32.17 0.01 -15.22
C ALA B 476 -31.80 1.46 -14.86
N LEU B 477 -32.33 1.97 -13.73
CA LEU B 477 -31.98 3.33 -13.32
C LEU B 477 -30.47 3.43 -13.01
N GLU B 478 -29.79 4.31 -13.73
CA GLU B 478 -28.37 4.52 -13.55
C GLU B 478 -27.94 5.06 -12.17
N PHE B 479 -26.66 4.84 -11.83
CA PHE B 479 -26.09 5.28 -10.56
C PHE B 479 -26.30 6.75 -10.23
N TYR B 480 -25.55 7.66 -10.87
CA TYR B 480 -25.67 9.10 -10.59
C TYR B 480 -27.09 9.66 -10.52
N PRO B 481 -27.91 9.47 -11.60
CA PRO B 481 -29.28 9.99 -11.52
C PRO B 481 -29.96 9.42 -10.29
N GLY B 482 -29.84 8.11 -10.09
CA GLY B 482 -30.46 7.48 -8.95
C GLY B 482 -30.08 8.16 -7.65
N LEU B 483 -28.83 8.60 -7.55
CA LEU B 483 -28.30 9.26 -6.37
C LEU B 483 -28.84 10.65 -6.11
N LEU B 484 -29.01 11.41 -7.18
CA LEU B 484 -29.52 12.77 -7.09
C LEU B 484 -31.05 12.95 -7.20
N LEU B 485 -31.75 11.93 -7.68
CA LEU B 485 -33.19 12.00 -7.82
C LEU B 485 -33.91 11.33 -6.67
N GLU B 486 -33.26 10.44 -5.93
CA GLU B 486 -33.89 9.77 -4.78
C GLU B 486 -34.32 10.81 -3.74
N LYS B 487 -35.33 10.47 -2.97
CA LYS B 487 -35.90 11.35 -1.95
C LYS B 487 -35.03 11.61 -0.75
N CYS B 488 -35.06 12.88 -0.37
CA CYS B 488 -34.27 13.31 0.75
C CYS B 488 -34.87 12.86 2.06
N HIS B 489 -34.02 12.81 3.06
CA HIS B 489 -34.46 12.43 4.38
C HIS B 489 -35.05 13.73 4.90
N PRO B 490 -36.10 13.66 5.74
CA PRO B 490 -36.85 14.77 6.37
C PRO B 490 -36.41 16.18 6.00
N ASN B 491 -35.48 16.73 6.77
CA ASN B 491 -34.99 18.07 6.46
C ASN B 491 -33.52 17.96 6.13
N SER B 492 -33.18 16.97 5.31
CA SER B 492 -31.80 16.65 4.90
C SER B 492 -31.26 17.27 3.59
N ILE B 493 -29.92 17.26 3.51
CA ILE B 493 -29.20 17.79 2.35
C ILE B 493 -29.31 16.77 1.23
N PHE B 494 -29.45 15.51 1.61
CA PHE B 494 -29.61 14.43 0.66
C PHE B 494 -30.23 13.19 1.30
N GLY B 495 -30.31 12.11 0.53
CA GLY B 495 -30.91 10.88 1.03
C GLY B 495 -30.09 9.60 1.21
N GLU B 496 -30.78 8.58 1.72
CA GLU B 496 -30.19 7.28 2.03
C GLU B 496 -28.95 6.87 1.24
N SER B 497 -29.12 6.46 0.00
CA SER B 497 -28.01 6.01 -0.83
C SER B 497 -26.74 6.84 -0.70
N MET B 498 -26.86 8.16 -0.82
CA MET B 498 -25.73 9.08 -0.71
C MET B 498 -24.94 8.73 0.53
N ILE B 499 -25.66 8.75 1.62
CA ILE B 499 -25.17 8.45 2.92
C ILE B 499 -24.69 6.99 3.08
N GLU B 500 -25.53 6.01 2.73
CA GLU B 500 -25.17 4.58 2.87
C GLU B 500 -24.06 4.05 1.93
N MET B 501 -23.67 4.87 0.95
CA MET B 501 -22.61 4.56 0.01
C MET B 501 -21.54 5.61 0.23
N GLY B 502 -21.97 6.79 0.66
CA GLY B 502 -21.09 7.89 0.93
C GLY B 502 -20.16 7.75 2.12
N ALA B 503 -20.68 7.51 3.33
CA ALA B 503 -19.83 7.36 4.53
C ALA B 503 -18.74 6.29 4.40
N PRO B 504 -19.09 5.07 3.95
CA PRO B 504 -18.13 3.98 3.80
C PRO B 504 -16.92 4.45 3.08
N PHE B 505 -17.01 4.55 1.77
CA PHE B 505 -15.89 5.03 1.02
C PHE B 505 -15.27 6.20 1.79
N SER B 506 -16.12 7.10 2.32
CA SER B 506 -15.65 8.31 3.01
C SER B 506 -15.09 8.27 4.42
N LEU B 507 -15.12 7.12 5.05
CA LEU B 507 -14.54 7.01 6.37
C LEU B 507 -13.30 6.16 6.22
N LYS B 508 -13.47 5.03 5.56
CA LYS B 508 -12.37 4.12 5.29
C LYS B 508 -11.28 4.97 4.68
N GLY B 509 -11.65 5.89 3.79
CA GLY B 509 -10.69 6.76 3.16
C GLY B 509 -9.90 7.59 4.13
N LEU B 510 -10.48 7.92 5.27
CA LEU B 510 -9.78 8.73 6.25
C LEU B 510 -9.03 7.91 7.27
N LEU B 511 -9.76 7.11 8.03
CA LEU B 511 -9.11 6.31 9.04
C LEU B 511 -8.04 5.41 8.46
N GLY B 512 -8.06 5.22 7.15
CA GLY B 512 -7.07 4.36 6.49
C GLY B 512 -5.79 5.01 6.01
N ASN B 513 -5.60 6.26 6.38
CA ASN B 513 -4.41 6.98 6.02
C ASN B 513 -3.32 6.37 6.91
N PRO B 514 -2.05 6.32 6.46
CA PRO B 514 -1.02 5.72 7.31
C PRO B 514 -0.80 6.43 8.64
N ILE B 515 -1.02 7.74 8.73
CA ILE B 515 -0.83 8.41 10.01
C ILE B 515 -1.80 7.94 11.11
N CYS B 516 -2.88 7.27 10.75
CA CYS B 516 -3.82 6.81 11.77
C CYS B 516 -3.44 5.48 12.35
N SER B 517 -2.40 4.88 11.78
CA SER B 517 -1.93 3.59 12.25
C SER B 517 -1.19 3.74 13.58
N PRO B 518 -1.17 2.67 14.39
CA PRO B 518 -0.48 2.70 15.67
C PRO B 518 0.98 3.03 15.44
N GLU B 519 1.51 2.59 14.31
CA GLU B 519 2.91 2.83 13.96
C GLU B 519 3.29 4.31 13.85
N TYR B 520 2.37 5.12 13.33
CA TYR B 520 2.63 6.53 13.13
C TYR B 520 1.99 7.44 14.15
N TRP B 521 0.90 7.00 14.79
CA TRP B 521 0.20 7.84 15.75
C TRP B 521 0.97 7.91 17.04
N LYS B 522 2.01 8.73 17.02
CA LYS B 522 2.92 8.91 18.14
C LYS B 522 3.29 10.36 18.13
N ALA B 523 3.48 10.93 19.32
CA ALA B 523 3.85 12.32 19.41
C ALA B 523 5.13 12.60 18.66
N SER B 524 6.03 11.64 18.55
CA SER B 524 7.30 11.92 17.86
C SER B 524 7.16 12.14 16.36
N THR B 525 6.11 11.56 15.78
CA THR B 525 5.82 11.66 14.34
C THR B 525 5.54 13.08 13.97
N PHE B 526 5.01 13.84 14.93
CA PHE B 526 4.67 15.23 14.71
C PHE B 526 5.65 16.21 15.34
N GLY B 527 6.85 15.76 15.69
CA GLY B 527 7.85 16.64 16.27
C GLY B 527 7.68 16.89 17.76
N GLY B 528 6.83 16.11 18.41
CA GLY B 528 6.62 16.28 19.83
C GLY B 528 5.19 16.65 20.18
N GLU B 529 4.91 16.85 21.47
CA GLU B 529 3.58 17.20 21.96
C GLU B 529 2.93 18.38 21.22
N VAL B 530 3.72 19.40 20.90
CA VAL B 530 3.20 20.56 20.17
C VAL B 530 2.58 20.23 18.82
N GLY B 531 3.31 19.57 17.93
CA GLY B 531 2.72 19.21 16.66
C GLY B 531 1.53 18.30 16.96
N PHE B 532 1.74 17.35 17.86
CA PHE B 532 0.68 16.41 18.17
C PHE B 532 -0.59 17.07 18.60
N ASN B 533 -0.51 18.10 19.43
CA ASN B 533 -1.74 18.75 19.88
C ASN B 533 -2.36 19.55 18.76
N LEU B 534 -1.52 20.17 17.93
CA LEU B 534 -1.97 20.93 16.78
C LEU B 534 -2.94 19.97 16.10
N VAL B 535 -2.48 18.74 15.87
CA VAL B 535 -3.37 17.78 15.25
C VAL B 535 -4.56 17.55 16.14
N LYS B 536 -4.32 17.09 17.35
CA LYS B 536 -5.39 16.77 18.27
C LYS B 536 -6.45 17.81 18.51
N THR B 537 -6.13 19.08 18.29
CA THR B 537 -7.13 20.11 18.55
C THR B 537 -7.49 21.01 17.36
N ALA B 538 -7.08 20.61 16.16
CA ALA B 538 -7.37 21.36 14.94
C ALA B 538 -8.82 21.77 14.95
N THR B 539 -9.09 22.91 14.31
CA THR B 539 -10.44 23.44 14.24
C THR B 539 -10.63 24.46 13.15
N LEU B 540 -11.80 24.45 12.50
CA LEU B 540 -12.05 25.41 11.43
C LEU B 540 -11.74 26.85 11.82
N LYS B 541 -12.28 27.29 12.97
CA LYS B 541 -12.03 28.66 13.43
C LYS B 541 -10.53 28.96 13.65
N LYS B 542 -9.82 28.03 14.29
CA LYS B 542 -8.39 28.18 14.55
C LYS B 542 -7.63 28.26 13.24
N LEU B 543 -8.03 27.41 12.31
CA LEU B 543 -7.42 27.33 11.00
C LEU B 543 -7.50 28.67 10.32
N VAL B 544 -8.66 29.30 10.33
CA VAL B 544 -8.78 30.59 9.67
C VAL B 544 -8.19 31.69 10.51
N CYS B 545 -8.72 31.83 11.71
CA CYS B 545 -8.34 32.89 12.59
C CYS B 545 -6.90 33.04 13.03
N LEU B 546 -6.20 31.93 13.21
CA LEU B 546 -4.79 32.04 13.61
C LEU B 546 -3.96 32.46 12.40
N ASN B 547 -4.62 32.63 11.25
CA ASN B 547 -3.94 33.02 10.03
C ASN B 547 -4.54 34.28 9.39
N THR B 548 -5.30 35.07 10.17
CA THR B 548 -5.92 36.30 9.68
C THR B 548 -5.91 37.44 10.72
N LYS B 549 -5.71 38.69 10.26
CA LYS B 549 -5.65 39.90 11.12
C LYS B 549 -6.85 40.06 12.04
N THR B 550 -8.01 39.66 11.55
CA THR B 550 -9.23 39.74 12.31
C THR B 550 -9.89 38.38 12.11
N CYS B 551 -10.81 38.01 12.99
CA CYS B 551 -11.48 36.72 12.89
C CYS B 551 -12.95 36.89 12.60
N PRO B 552 -13.35 36.63 11.35
CA PRO B 552 -14.73 36.74 10.88
C PRO B 552 -15.60 35.59 11.34
N TYR B 553 -16.88 35.69 10.99
CA TYR B 553 -17.84 34.63 11.30
C TYR B 553 -17.29 33.52 10.46
N VAL B 554 -16.95 32.40 11.07
CA VAL B 554 -16.39 31.33 10.27
C VAL B 554 -17.03 30.03 10.70
N SER B 555 -17.77 29.40 9.80
CA SER B 555 -18.47 28.16 10.09
C SER B 555 -18.92 27.35 8.88
N PHE B 556 -19.32 26.10 9.09
CA PHE B 556 -19.81 25.27 7.99
C PHE B 556 -21.32 25.42 7.97
N HIS B 557 -21.83 26.11 9.00
CA HIS B 557 -23.24 26.38 9.18
C HIS B 557 -23.43 27.86 8.97
N VAL B 558 -24.52 28.18 8.31
CA VAL B 558 -24.92 29.55 8.03
C VAL B 558 -25.28 30.12 9.39
N PRO B 559 -25.03 31.40 9.63
CA PRO B 559 -25.39 31.90 10.96
C PRO B 559 -26.88 31.69 11.28
#